data_5C9U
#
_entry.id   5C9U
#
_cell.length_a   78.740
_cell.length_b   78.740
_cell.length_c   224.655
_cell.angle_alpha   90.00
_cell.angle_beta   90.00
_cell.angle_gamma   90.00
#
_symmetry.space_group_name_H-M   'P 43 21 2'
#
loop_
_entity.id
_entity.type
_entity.pdbx_description
1 polymer 'Malate synthase G'
2 non-polymer 'MAGNESIUM ION'
3 non-polymer '[2-(2,4-dichlorophenyl)hydrazinyl](oxo)acetic acid'
4 water water
#
_entity_poly.entity_id   1
_entity_poly.type   'polypeptide(L)'
_entity_poly.pdbx_seq_one_letter_code
;MTDRVSVGNLRIARVLYDFVNNEALPGTDIDPDSFWAGVDKVVADLTPQNQALLNARDELQAQIDKWHRRRVIEPIDMDA
YRQFLTEIGYLLPEPDDFTITTSGVDAEITTTAGPQLVVPVLNARFALNAANARWGSLYDALYGTDVIPETDGAEKGPTY
NKVRGDKVIAYARKFLDDSVPLSSGSFGDATGFTVQDGQLVVALPDKSTGLANPGQFAGYTGAAESPTSVLLINHGLHIE
ILIDPESQVGTTDRAGVKDVILESAITTIMDFEDSVAAVDAADKVLGYRNWLGLNKGDLAAAVDKDGTAFLRVLNRDRNY
TAPGGGQFTLPGRSLMFVRNVGHLMTNDAIVDTDGSEVFEGIMDALFTGLIAIHGLKASDVNGPLINSRTGSIYIVKPKM
HGPAEVAFTCELFSRVEDVLGLPQNTMKIGIMDEERRTTVNLKACIKAAADRVVFINTGFLDRTGDEIHTSMEAGPMVRK
GTMKSQPWILAYEDHNVDAGLAAGFSGRAQVGKGMWTMTELMADMVETKIAQPRAGASTAWVPSPTAATLHALHYHQVDV
AAVQQGLAGKRRATIEQLLTIPLAKELAWAPDEIREEVDNNCQSILGYVVRWVDQGVGASKVPDIHDVALMEDRATLRIS
SQLLANWLRHGVITSADVRASLERMAPLVDRQNAGDVAYRPMAPNFDDSIAFLAAQELILSGAQQPNGYTEPILHRRRRE
FKARAAEKPAPSDRAGDDAAR
;
_entity_poly.pdbx_strand_id   A
#
# COMPACT_ATOMS: atom_id res chain seq x y z
N THR A 2 -13.48 -37.00 -3.27
CA THR A 2 -13.07 -35.62 -3.44
C THR A 2 -14.29 -34.72 -3.64
N ASP A 3 -14.18 -33.47 -3.19
CA ASP A 3 -15.26 -32.50 -3.27
C ASP A 3 -15.12 -31.54 -4.44
N ARG A 4 -13.98 -31.63 -5.15
CA ARG A 4 -13.65 -30.73 -6.25
C ARG A 4 -14.51 -30.89 -7.51
N VAL A 5 -14.55 -29.84 -8.31
CA VAL A 5 -15.30 -29.82 -9.56
C VAL A 5 -14.33 -29.94 -10.74
N SER A 6 -14.62 -30.85 -11.67
CA SER A 6 -13.76 -31.03 -12.86
C SER A 6 -14.16 -30.13 -14.01
N VAL A 7 -13.18 -29.37 -14.49
CA VAL A 7 -13.33 -28.49 -15.63
C VAL A 7 -12.05 -28.63 -16.46
N GLY A 8 -12.09 -29.47 -17.49
CA GLY A 8 -10.89 -29.78 -18.26
C GLY A 8 -9.84 -30.45 -17.40
N ASN A 9 -8.63 -29.87 -17.38
CA ASN A 9 -7.53 -30.39 -16.57
C ASN A 9 -7.57 -29.86 -15.13
N LEU A 10 -8.54 -29.01 -14.84
CA LEU A 10 -8.59 -28.41 -13.51
C LEU A 10 -9.57 -29.10 -12.56
N ARG A 11 -9.19 -29.13 -11.29
CA ARG A 11 -10.04 -29.64 -10.21
C ARG A 11 -10.23 -28.50 -9.18
N ILE A 12 -11.39 -27.85 -9.24
CA ILE A 12 -11.66 -26.60 -8.51
C ILE A 12 -12.34 -26.87 -7.18
N ALA A 13 -11.82 -26.29 -6.09
CA ALA A 13 -12.46 -26.43 -4.78
C ALA A 13 -13.93 -26.01 -4.87
N ARG A 14 -14.82 -26.83 -4.30
CA ARG A 14 -16.26 -26.58 -4.45
C ARG A 14 -16.63 -25.21 -3.90
N VAL A 15 -15.98 -24.82 -2.81
CA VAL A 15 -16.35 -23.56 -2.18
C VAL A 15 -16.11 -22.38 -3.14
N LEU A 16 -15.08 -22.51 -3.98
CA LEU A 16 -14.76 -21.49 -4.95
C LEU A 16 -15.66 -21.56 -6.18
N TYR A 17 -15.87 -22.77 -6.68
CA TYR A 17 -16.80 -22.98 -7.78
C TYR A 17 -18.20 -22.37 -7.48
N ASP A 18 -18.74 -22.68 -6.30
CA ASP A 18 -20.04 -22.16 -5.89
C ASP A 18 -20.04 -20.63 -5.69
N PHE A 19 -19.00 -20.10 -5.05
CA PHE A 19 -18.92 -18.64 -4.89
C PHE A 19 -18.99 -17.97 -6.25
N VAL A 20 -18.19 -18.46 -7.19
CA VAL A 20 -18.15 -17.82 -8.51
C VAL A 20 -19.48 -17.92 -9.28
N ASN A 21 -20.09 -19.10 -9.28
CA ASN A 21 -21.36 -19.30 -9.97
C ASN A 21 -22.54 -18.55 -9.37
N ASN A 22 -22.62 -18.56 -8.05
CA ASN A 22 -23.76 -17.99 -7.35
C ASN A 22 -23.65 -16.51 -7.04
N GLU A 23 -22.42 -16.02 -6.86
CA GLU A 23 -22.23 -14.65 -6.38
C GLU A 23 -21.52 -13.75 -7.38
N ALA A 24 -20.41 -14.23 -7.97
CA ALA A 24 -19.59 -13.35 -8.81
C ALA A 24 -20.11 -13.20 -10.24
N LEU A 25 -20.60 -14.31 -10.81
CA LEU A 25 -21.03 -14.30 -12.21
C LEU A 25 -22.40 -13.64 -12.49
N PRO A 26 -23.41 -13.86 -11.63
CA PRO A 26 -24.71 -13.25 -11.94
C PRO A 26 -24.64 -11.74 -12.02
N GLY A 27 -25.10 -11.18 -13.13
CA GLY A 27 -25.12 -9.74 -13.31
C GLY A 27 -24.02 -9.27 -14.23
N THR A 28 -23.09 -10.16 -14.59
CA THR A 28 -22.00 -9.78 -15.50
C THR A 28 -22.32 -10.12 -16.94
N ASP A 29 -23.38 -10.88 -17.16
CA ASP A 29 -23.75 -11.36 -18.49
C ASP A 29 -22.71 -12.29 -19.13
N ILE A 30 -21.75 -12.76 -18.34
CA ILE A 30 -20.81 -13.76 -18.83
C ILE A 30 -21.40 -15.16 -18.66
N ASP A 31 -21.37 -15.93 -19.75
CA ASP A 31 -21.82 -17.32 -19.73
C ASP A 31 -20.92 -18.18 -18.84
N PRO A 32 -21.49 -18.76 -17.77
CA PRO A 32 -20.73 -19.55 -16.79
C PRO A 32 -19.87 -20.66 -17.39
N ASP A 33 -20.41 -21.43 -18.32
CA ASP A 33 -19.62 -22.50 -18.92
C ASP A 33 -18.44 -21.92 -19.71
N SER A 34 -18.64 -20.79 -20.37
CA SER A 34 -17.58 -20.14 -21.13
C SER A 34 -16.51 -19.56 -20.21
N PHE A 35 -16.94 -19.08 -19.04
CA PHE A 35 -15.98 -18.52 -18.10
C PHE A 35 -15.03 -19.62 -17.62
N TRP A 36 -15.62 -20.74 -17.20
CA TRP A 36 -14.82 -21.84 -16.68
C TRP A 36 -13.90 -22.49 -17.71
N ALA A 37 -14.36 -22.59 -18.95
CA ALA A 37 -13.52 -23.05 -20.06
C ALA A 37 -12.38 -22.07 -20.29
N GLY A 38 -12.66 -20.78 -20.11
CA GLY A 38 -11.64 -19.76 -20.22
C GLY A 38 -10.57 -19.92 -19.15
N VAL A 39 -10.98 -20.23 -17.93
CA VAL A 39 -10.05 -20.43 -16.83
C VAL A 39 -9.11 -21.58 -17.15
N ASP A 40 -9.68 -22.69 -17.64
CA ASP A 40 -8.91 -23.88 -17.98
C ASP A 40 -7.89 -23.57 -19.07
N LYS A 41 -8.33 -22.84 -20.10
CA LYS A 41 -7.47 -22.53 -21.23
C LYS A 41 -6.36 -21.54 -20.89
N VAL A 42 -6.70 -20.49 -20.15
CA VAL A 42 -5.70 -19.52 -19.68
C VAL A 42 -4.67 -20.16 -18.76
N VAL A 43 -5.11 -20.93 -17.77
CA VAL A 43 -4.18 -21.62 -16.90
C VAL A 43 -3.28 -22.57 -17.71
N ALA A 44 -3.87 -23.27 -18.68
CA ALA A 44 -3.08 -24.21 -19.48
C ALA A 44 -2.03 -23.49 -20.35
N ASP A 45 -2.46 -22.41 -20.98
CA ASP A 45 -1.60 -21.70 -21.93
C ASP A 45 -0.45 -20.93 -21.26
N LEU A 46 -0.69 -20.33 -20.10
CA LEU A 46 0.28 -19.39 -19.51
C LEU A 46 1.15 -19.97 -18.40
N THR A 47 0.74 -21.11 -17.85
CA THR A 47 1.48 -21.77 -16.78
C THR A 47 2.96 -22.04 -17.10
N PRO A 48 3.27 -22.59 -18.30
CA PRO A 48 4.69 -22.83 -18.59
C PRO A 48 5.57 -21.58 -18.63
N GLN A 49 5.09 -20.48 -19.20
CA GLN A 49 5.85 -19.23 -19.21
C GLN A 49 6.01 -18.67 -17.79
N ASN A 50 4.95 -18.77 -16.98
CA ASN A 50 5.05 -18.41 -15.57
C ASN A 50 6.18 -19.19 -14.90
N GLN A 51 6.25 -20.50 -15.18
CA GLN A 51 7.31 -21.33 -14.59
C GLN A 51 8.70 -20.98 -15.14
N ALA A 52 8.78 -20.71 -16.44
CA ALA A 52 10.04 -20.34 -17.07
C ALA A 52 10.61 -19.07 -16.46
N LEU A 53 9.73 -18.12 -16.16
CA LEU A 53 10.15 -16.86 -15.57
C LEU A 53 10.72 -17.07 -14.17
N LEU A 54 10.07 -17.90 -13.37
CA LEU A 54 10.57 -18.24 -12.04
C LEU A 54 11.90 -18.97 -12.08
N ASN A 55 12.08 -19.85 -13.06
CA ASN A 55 13.36 -20.53 -13.18
C ASN A 55 14.46 -19.54 -13.55
N ALA A 56 14.11 -18.56 -14.38
CA ALA A 56 15.08 -17.57 -14.82
C ALA A 56 15.58 -16.74 -13.64
N ARG A 57 14.70 -16.43 -12.69
CA ARG A 57 15.10 -15.75 -11.46
C ARG A 57 16.18 -16.56 -10.75
N ASP A 58 15.94 -17.86 -10.62
CA ASP A 58 16.84 -18.76 -9.92
C ASP A 58 18.21 -18.81 -10.62
N GLU A 59 18.20 -18.93 -11.93
CA GLU A 59 19.44 -19.02 -12.72
C GLU A 59 20.30 -17.76 -12.57
N LEU A 60 19.66 -16.59 -12.55
CA LEU A 60 20.40 -15.33 -12.41
C LEU A 60 21.00 -15.22 -11.02
N GLN A 61 20.22 -15.58 -10.00
CA GLN A 61 20.69 -15.49 -8.65
C GLN A 61 21.88 -16.43 -8.43
N ALA A 62 21.81 -17.63 -9.00
CA ALA A 62 22.92 -18.57 -8.91
C ALA A 62 24.22 -17.99 -9.50
N GLN A 63 24.09 -17.31 -10.64
CA GLN A 63 25.25 -16.73 -11.31
C GLN A 63 25.85 -15.58 -10.50
N ILE A 64 24.99 -14.79 -9.87
CA ILE A 64 25.43 -13.71 -8.99
C ILE A 64 26.07 -14.25 -7.71
N ASP A 65 25.46 -15.27 -7.12
CA ASP A 65 26.03 -15.95 -5.96
C ASP A 65 27.46 -16.40 -6.27
N LYS A 66 27.64 -17.02 -7.45
CA LYS A 66 28.94 -17.54 -7.86
C LYS A 66 29.95 -16.43 -8.10
N TRP A 67 29.48 -15.33 -8.68
CA TRP A 67 30.32 -14.18 -8.95
C TRP A 67 30.96 -13.69 -7.67
N HIS A 68 30.16 -13.50 -6.62
CA HIS A 68 30.71 -13.03 -5.34
C HIS A 68 31.69 -14.04 -4.72
N ARG A 69 31.36 -15.33 -4.82
CA ARG A 69 32.16 -16.35 -4.16
C ARG A 69 33.52 -16.60 -4.79
N ARG A 70 33.68 -16.25 -6.06
CA ARG A 70 34.97 -16.40 -6.72
C ARG A 70 35.84 -15.15 -6.58
N ARG A 71 35.28 -14.13 -5.93
CA ARG A 71 35.96 -12.85 -5.73
C ARG A 71 36.47 -12.82 -4.30
N VAL A 72 37.55 -12.08 -4.07
CA VAL A 72 38.06 -11.96 -2.70
C VAL A 72 38.59 -10.54 -2.47
N ILE A 73 38.33 -9.67 -3.43
CA ILE A 73 38.85 -8.29 -3.35
C ILE A 73 38.11 -7.36 -2.37
N GLU A 74 36.93 -6.87 -2.76
CA GLU A 74 36.06 -6.02 -1.92
C GLU A 74 36.21 -4.49 -1.98
N PRO A 75 37.37 -3.97 -2.43
CA PRO A 75 37.25 -2.64 -3.03
C PRO A 75 36.18 -2.57 -4.12
N ILE A 76 35.74 -3.73 -4.60
CA ILE A 76 34.56 -3.89 -5.49
C ILE A 76 34.54 -3.08 -6.79
N ASP A 77 34.86 -3.76 -7.88
CA ASP A 77 34.96 -3.11 -9.18
C ASP A 77 33.60 -2.98 -9.84
N MET A 78 33.05 -1.76 -9.80
CA MET A 78 31.72 -1.51 -10.33
C MET A 78 31.66 -1.73 -11.84
N ASP A 79 32.79 -1.47 -12.52
CA ASP A 79 32.86 -1.69 -13.96
C ASP A 79 32.76 -3.15 -14.35
N ALA A 80 33.38 -4.02 -13.55
CA ALA A 80 33.33 -5.45 -13.79
C ALA A 80 31.95 -5.99 -13.45
N TYR A 81 31.44 -5.55 -12.30
CA TYR A 81 30.15 -6.01 -11.80
C TYR A 81 29.04 -5.65 -12.76
N ARG A 82 29.05 -4.40 -13.21
CA ARG A 82 28.06 -3.90 -14.15
C ARG A 82 28.18 -4.66 -15.49
N GLN A 83 29.42 -4.90 -15.91
CA GLN A 83 29.67 -5.70 -17.10
C GLN A 83 29.11 -7.11 -16.99
N PHE A 84 29.35 -7.72 -15.84
CA PHE A 84 28.85 -9.06 -15.57
C PHE A 84 27.30 -9.11 -15.63
N LEU A 85 26.64 -8.15 -14.96
CA LEU A 85 25.18 -8.11 -14.94
C LEU A 85 24.60 -7.99 -16.34
N THR A 86 25.31 -7.29 -17.22
CA THR A 86 24.88 -7.15 -18.60
C THR A 86 25.05 -8.44 -19.39
N GLU A 87 26.19 -9.10 -19.23
CA GLU A 87 26.47 -10.34 -19.94
C GLU A 87 25.43 -11.41 -19.66
N ILE A 88 25.03 -11.52 -18.39
CA ILE A 88 24.08 -12.56 -17.99
C ILE A 88 22.61 -12.17 -18.21
N GLY A 89 22.35 -10.94 -18.65
CA GLY A 89 20.99 -10.53 -18.99
C GLY A 89 20.13 -10.01 -17.82
N TYR A 90 20.81 -9.66 -16.74
CA TYR A 90 20.18 -9.06 -15.59
C TYR A 90 19.93 -7.58 -15.88
N LEU A 91 20.99 -6.92 -16.35
CA LEU A 91 20.93 -5.52 -16.76
C LEU A 91 20.65 -5.46 -18.25
N LEU A 92 19.46 -4.99 -18.63
CA LEU A 92 19.09 -4.95 -20.04
C LEU A 92 19.29 -3.55 -20.63
N PRO A 93 19.46 -3.49 -21.96
CA PRO A 93 19.58 -2.17 -22.59
C PRO A 93 18.35 -1.31 -22.29
N GLU A 94 18.57 -0.02 -22.13
CA GLU A 94 17.47 0.88 -21.89
C GLU A 94 16.91 1.38 -23.22
N PRO A 95 15.58 1.44 -23.34
CA PRO A 95 15.01 1.79 -24.64
C PRO A 95 14.98 3.30 -24.86
N ASP A 96 14.72 3.73 -26.08
CA ASP A 96 14.58 5.14 -26.38
C ASP A 96 13.41 5.74 -25.61
N ASP A 97 13.43 7.06 -25.46
CA ASP A 97 12.37 7.77 -24.77
C ASP A 97 11.02 7.47 -25.40
N PHE A 98 9.97 7.50 -24.59
CA PHE A 98 8.63 7.19 -25.07
C PHE A 98 7.65 7.83 -24.10
N THR A 99 6.39 7.93 -24.51
CA THR A 99 5.32 8.46 -23.65
C THR A 99 4.23 7.40 -23.52
N ILE A 100 3.77 7.16 -22.29
CA ILE A 100 2.74 6.15 -22.05
C ILE A 100 1.44 6.53 -22.75
N THR A 101 0.64 5.54 -23.14
CA THR A 101 -0.59 5.81 -23.86
C THR A 101 -1.84 5.33 -23.13
N THR A 102 -1.71 4.94 -21.86
CA THR A 102 -2.85 4.46 -21.08
C THR A 102 -4.04 5.42 -21.13
N SER A 103 -5.22 4.92 -21.47
CA SER A 103 -6.41 5.77 -21.50
C SER A 103 -7.64 5.15 -20.83
N GLY A 104 -8.69 5.93 -20.65
CA GLY A 104 -9.86 5.51 -19.89
C GLY A 104 -9.64 5.49 -18.37
N VAL A 105 -8.69 6.30 -17.91
CA VAL A 105 -8.36 6.33 -16.47
C VAL A 105 -9.06 7.48 -15.74
N ASP A 106 -9.51 7.21 -14.52
CA ASP A 106 -10.26 8.19 -13.74
C ASP A 106 -9.38 9.35 -13.28
N ALA A 107 -10.01 10.51 -13.02
CA ALA A 107 -9.33 11.71 -12.59
C ALA A 107 -8.54 11.53 -11.30
N GLU A 108 -9.04 10.69 -10.38
CA GLU A 108 -8.36 10.42 -9.10
C GLU A 108 -6.93 9.94 -9.30
N ILE A 109 -6.69 9.31 -10.43
CA ILE A 109 -5.40 8.74 -10.72
C ILE A 109 -4.58 9.61 -11.68
N THR A 110 -5.21 10.12 -12.73
CA THR A 110 -4.46 10.90 -13.74
C THR A 110 -4.02 12.25 -13.19
N THR A 111 -4.85 12.85 -12.36
CA THR A 111 -4.72 14.28 -12.07
C THR A 111 -4.53 14.60 -10.61
N THR A 112 -5.36 14.01 -9.75
CA THR A 112 -5.41 14.39 -8.34
C THR A 112 -4.23 13.83 -7.57
N ALA A 113 -3.47 14.70 -6.92
CA ALA A 113 -2.40 14.27 -6.01
C ALA A 113 -2.92 14.17 -4.57
N GLY A 114 -2.69 13.05 -3.90
CA GLY A 114 -3.13 12.90 -2.51
C GLY A 114 -2.87 11.49 -1.97
N PRO A 115 -3.23 11.27 -0.69
CA PRO A 115 -2.94 10.01 0.00
C PRO A 115 -3.56 8.78 -0.66
N GLN A 116 -2.90 7.63 -0.52
CA GLN A 116 -3.45 6.36 -1.01
C GLN A 116 -3.40 5.37 0.15
N LEU A 117 -4.56 4.81 0.49
CA LEU A 117 -4.70 3.98 1.67
C LEU A 117 -4.63 2.51 1.23
N VAL A 118 -3.93 1.66 1.98
CA VAL A 118 -3.85 0.23 1.65
C VAL A 118 -4.43 -0.54 2.82
N VAL A 119 -5.33 -1.49 2.57
CA VAL A 119 -5.96 -2.26 3.67
C VAL A 119 -6.15 -3.73 3.29
N PRO A 120 -6.14 -4.63 4.29
CA PRO A 120 -6.32 -6.06 4.00
C PRO A 120 -7.76 -6.34 3.58
N VAL A 121 -7.92 -6.98 2.42
CA VAL A 121 -9.26 -7.19 1.88
C VAL A 121 -10.04 -8.25 2.68
N LEU A 122 -9.33 -9.03 3.48
CA LEU A 122 -9.97 -10.08 4.28
C LEU A 122 -10.69 -9.53 5.52
N ASN A 123 -10.40 -8.27 5.86
CA ASN A 123 -11.06 -7.62 6.98
C ASN A 123 -12.15 -6.66 6.51
N ALA A 124 -13.39 -7.14 6.52
CA ALA A 124 -14.52 -6.38 5.99
C ALA A 124 -14.68 -5.02 6.66
N ARG A 125 -14.49 -4.97 7.98
CA ARG A 125 -14.63 -3.71 8.70
C ARG A 125 -13.61 -2.67 8.24
N PHE A 126 -12.34 -3.04 8.21
CA PHE A 126 -11.29 -2.12 7.76
C PHE A 126 -11.47 -1.72 6.29
N ALA A 127 -11.91 -2.66 5.46
CA ALA A 127 -12.12 -2.38 4.05
C ALA A 127 -13.22 -1.34 3.87
N LEU A 128 -14.32 -1.53 4.59
CA LEU A 128 -15.40 -0.56 4.56
C LEU A 128 -14.93 0.82 5.00
N ASN A 129 -14.18 0.87 6.10
CA ASN A 129 -13.69 2.15 6.62
C ASN A 129 -12.75 2.85 5.64
N ALA A 130 -11.95 2.06 4.92
CA ALA A 130 -11.03 2.60 3.92
C ALA A 130 -11.76 3.19 2.73
N ALA A 131 -12.75 2.44 2.22
CA ALA A 131 -13.59 2.93 1.15
C ALA A 131 -14.28 4.25 1.51
N ASN A 132 -14.71 4.36 2.77
CA ASN A 132 -15.35 5.57 3.29
C ASN A 132 -14.36 6.68 3.67
N ALA A 133 -13.07 6.40 3.58
CA ALA A 133 -12.05 7.34 4.08
C ALA A 133 -11.76 8.47 3.09
N ARG A 134 -12.46 8.49 1.96
CA ARG A 134 -12.35 9.61 1.01
C ARG A 134 -12.56 10.96 1.68
N TRP A 135 -13.43 11.01 2.68
CA TRP A 135 -13.65 12.22 3.45
C TRP A 135 -13.38 11.88 4.91
N GLY A 136 -12.72 12.79 5.61
CA GLY A 136 -12.35 12.56 7.00
C GLY A 136 -12.29 13.85 7.79
N SER A 137 -12.63 13.76 9.08
CA SER A 137 -12.64 14.90 10.00
C SER A 137 -11.22 15.31 10.41
N LEU A 138 -10.85 16.56 10.14
CA LEU A 138 -9.56 17.05 10.58
C LEU A 138 -9.55 17.24 12.11
N TYR A 139 -10.65 17.68 12.70
CA TYR A 139 -10.68 17.86 14.15
C TYR A 139 -10.49 16.53 14.88
N ASP A 140 -11.11 15.46 14.37
CA ASP A 140 -10.97 14.14 14.97
C ASP A 140 -9.54 13.66 14.90
N ALA A 141 -8.91 13.84 13.74
CA ALA A 141 -7.54 13.39 13.52
C ALA A 141 -6.56 14.18 14.38
N LEU A 142 -6.84 15.46 14.60
CA LEU A 142 -5.94 16.27 15.44
C LEU A 142 -6.13 15.98 16.93
N TYR A 143 -7.38 15.94 17.37
CA TYR A 143 -7.67 15.71 18.78
C TYR A 143 -7.23 14.31 19.20
N GLY A 144 -7.45 13.34 18.32
CA GLY A 144 -7.24 11.95 18.65
C GLY A 144 -5.81 11.44 18.55
N THR A 145 -4.90 12.27 18.03
CA THR A 145 -3.51 11.82 17.86
C THR A 145 -2.54 12.76 18.53
N ASP A 146 -1.25 12.40 18.51
CA ASP A 146 -0.23 13.25 19.13
C ASP A 146 0.20 14.45 18.26
N VAL A 147 -0.50 14.72 17.16
CA VAL A 147 -0.21 15.93 16.39
C VAL A 147 -0.40 17.17 17.26
N ILE A 148 -1.44 17.15 18.09
CA ILE A 148 -1.55 18.11 19.18
C ILE A 148 -0.92 17.42 20.40
N PRO A 149 0.25 17.91 20.85
CA PRO A 149 0.97 17.25 21.95
C PRO A 149 0.13 17.15 23.21
N GLU A 150 0.22 16.02 23.90
CA GLU A 150 -0.47 15.83 25.17
C GLU A 150 0.36 16.41 26.31
N THR A 151 0.58 17.72 26.26
CA THR A 151 1.30 18.39 27.31
C THR A 151 0.39 18.62 28.52
N ASP A 152 0.93 19.23 29.57
CA ASP A 152 0.14 19.53 30.74
C ASP A 152 -1.08 20.34 30.36
N GLY A 153 -2.24 19.90 30.84
CA GLY A 153 -3.47 20.62 30.57
C GLY A 153 -4.17 20.26 29.29
N ALA A 154 -3.43 19.76 28.30
CA ALA A 154 -4.02 19.42 27.00
C ALA A 154 -4.11 17.92 26.74
N GLU A 155 -4.17 17.14 27.79
CA GLU A 155 -4.18 15.68 27.63
C GLU A 155 -5.56 15.12 27.24
N LYS A 156 -5.55 14.00 26.54
CA LYS A 156 -6.78 13.27 26.28
C LYS A 156 -7.23 12.62 27.59
N GLY A 157 -8.54 12.66 27.84
CA GLY A 157 -9.12 12.03 29.00
C GLY A 157 -10.32 11.20 28.60
N PRO A 158 -11.16 10.82 29.59
CA PRO A 158 -12.39 10.07 29.32
C PRO A 158 -13.38 10.92 28.54
N THR A 159 -13.29 12.23 28.70
CA THR A 159 -14.21 13.18 28.10
C THR A 159 -13.50 14.41 27.52
N TYR A 160 -14.27 15.21 26.78
CA TYR A 160 -13.75 16.36 26.04
C TYR A 160 -12.99 17.38 26.88
N ASN A 161 -11.73 17.59 26.53
CA ASN A 161 -10.88 18.60 27.17
C ASN A 161 -10.88 19.85 26.30
N LYS A 162 -11.49 20.94 26.79
CA LYS A 162 -11.67 22.16 26.00
C LYS A 162 -10.36 22.86 25.60
N VAL A 163 -9.37 22.79 26.46
CA VAL A 163 -8.04 23.33 26.21
C VAL A 163 -7.42 22.62 25.00
N ARG A 164 -7.54 21.30 24.95
CA ARG A 164 -7.03 20.53 23.81
C ARG A 164 -7.80 20.87 22.54
N GLY A 165 -9.12 20.95 22.69
CA GLY A 165 -10.00 21.35 21.59
C GLY A 165 -9.66 22.71 21.02
N ASP A 166 -9.32 23.66 21.88
CA ASP A 166 -8.90 24.99 21.42
C ASP A 166 -7.61 24.92 20.60
N LYS A 167 -6.68 24.06 21.01
CA LYS A 167 -5.46 23.84 20.23
C LYS A 167 -5.79 23.23 18.88
N VAL A 168 -6.76 22.32 18.86
CA VAL A 168 -7.22 21.72 17.62
C VAL A 168 -7.74 22.82 16.68
N ILE A 169 -8.64 23.64 17.20
CA ILE A 169 -9.23 24.75 16.45
C ILE A 169 -8.17 25.68 15.88
N ALA A 170 -7.19 26.05 16.70
CA ALA A 170 -6.15 26.97 16.27
C ALA A 170 -5.26 26.37 15.18
N TYR A 171 -4.95 25.08 15.31
CA TYR A 171 -4.16 24.38 14.31
C TYR A 171 -4.87 24.44 12.97
N ALA A 172 -6.16 24.13 12.98
CA ALA A 172 -6.97 24.09 11.78
C ALA A 172 -7.17 25.49 11.19
N ARG A 173 -7.22 26.51 12.04
CA ARG A 173 -7.34 27.87 11.51
C ARG A 173 -6.08 28.26 10.74
N LYS A 174 -4.91 27.85 11.26
CA LYS A 174 -3.64 28.12 10.58
C LYS A 174 -3.56 27.40 9.25
N PHE A 175 -4.04 26.16 9.22
CA PHE A 175 -4.13 25.40 7.97
C PHE A 175 -4.96 26.14 6.92
N LEU A 176 -6.10 26.70 7.35
CA LEU A 176 -6.92 27.47 6.42
C LEU A 176 -6.18 28.70 5.89
N ASP A 177 -5.58 29.47 6.79
CA ASP A 177 -4.77 30.62 6.37
C ASP A 177 -3.70 30.23 5.36
N ASP A 178 -3.04 29.10 5.61
CA ASP A 178 -1.97 28.63 4.75
C ASP A 178 -2.47 28.08 3.40
N SER A 179 -3.67 27.52 3.37
CA SER A 179 -4.13 26.82 2.18
C SER A 179 -5.04 27.65 1.29
N VAL A 180 -5.92 28.43 1.90
CA VAL A 180 -6.96 29.16 1.17
C VAL A 180 -7.02 30.55 1.78
N PRO A 181 -5.96 31.36 1.54
CA PRO A 181 -5.76 32.63 2.27
C PRO A 181 -6.84 33.66 2.02
N LEU A 182 -7.15 34.44 3.05
CA LEU A 182 -8.04 35.58 2.89
C LEU A 182 -7.29 36.76 2.26
N SER A 183 -7.99 37.58 1.47
CA SER A 183 -7.43 38.83 0.93
C SER A 183 -6.74 39.67 2.00
N SER A 184 -7.39 39.79 3.16
CA SER A 184 -6.75 40.37 4.35
C SER A 184 -7.29 39.71 5.61
N GLY A 185 -6.49 39.70 6.67
CA GLY A 185 -6.91 39.09 7.93
C GLY A 185 -6.75 37.58 7.93
N SER A 186 -7.16 36.98 9.05
CA SER A 186 -6.96 35.55 9.28
C SER A 186 -8.29 34.86 9.56
N PHE A 187 -8.43 33.62 9.10
CA PHE A 187 -9.58 32.80 9.48
C PHE A 187 -9.72 32.71 10.99
N GLY A 188 -8.60 32.87 11.70
CA GLY A 188 -8.61 32.89 13.15
C GLY A 188 -9.51 33.94 13.77
N ASP A 189 -9.82 35.00 13.02
CA ASP A 189 -10.66 36.07 13.54
C ASP A 189 -12.05 36.09 12.87
N ALA A 190 -12.29 35.14 11.98
CA ALA A 190 -13.58 35.09 11.28
C ALA A 190 -14.73 35.01 12.28
N THR A 191 -15.87 35.58 11.89
CA THR A 191 -17.03 35.63 12.77
C THR A 191 -18.25 35.04 12.09
N GLY A 192 -18.18 34.90 10.77
CA GLY A 192 -19.26 34.26 10.02
C GLY A 192 -18.90 34.10 8.56
N PHE A 193 -19.67 33.27 7.88
CA PHE A 193 -19.50 33.02 6.45
C PHE A 193 -20.84 33.23 5.75
N THR A 194 -20.83 33.94 4.62
CA THR A 194 -22.03 34.04 3.79
C THR A 194 -21.62 34.00 2.33
N VAL A 195 -22.58 33.75 1.46
CA VAL A 195 -22.36 33.72 0.03
C VAL A 195 -23.19 34.81 -0.65
N GLN A 196 -22.53 35.74 -1.34
CA GLN A 196 -23.22 36.85 -2.00
C GLN A 196 -22.72 37.01 -3.42
N ASP A 197 -23.64 36.94 -4.38
CA ASP A 197 -23.30 37.03 -5.81
C ASP A 197 -22.26 35.99 -6.21
N GLY A 198 -22.37 34.80 -5.64
CA GLY A 198 -21.47 33.71 -5.98
C GLY A 198 -20.10 33.86 -5.36
N GLN A 199 -19.94 34.82 -4.47
CA GLN A 199 -18.67 35.07 -3.81
C GLN A 199 -18.73 34.74 -2.32
N LEU A 200 -17.68 34.09 -1.81
CA LEU A 200 -17.57 33.84 -0.38
C LEU A 200 -17.20 35.12 0.35
N VAL A 201 -18.00 35.46 1.37
CA VAL A 201 -17.71 36.62 2.19
C VAL A 201 -17.45 36.17 3.62
N VAL A 202 -16.26 36.46 4.12
CA VAL A 202 -15.90 36.13 5.48
C VAL A 202 -15.94 37.36 6.37
N ALA A 203 -16.75 37.31 7.42
CA ALA A 203 -16.89 38.44 8.32
C ALA A 203 -15.76 38.48 9.33
N LEU A 204 -15.12 39.64 9.45
CA LEU A 204 -14.08 39.86 10.45
C LEU A 204 -14.63 40.84 11.49
N PRO A 205 -13.92 41.03 12.61
CA PRO A 205 -14.44 41.96 13.61
C PRO A 205 -14.65 43.38 13.09
N ASP A 206 -13.70 43.89 12.33
CA ASP A 206 -13.71 45.29 11.92
C ASP A 206 -14.20 45.50 10.48
N LYS A 207 -14.35 44.41 9.74
CA LYS A 207 -14.72 44.48 8.33
C LYS A 207 -15.07 43.09 7.80
N SER A 208 -15.27 42.99 6.50
CA SER A 208 -15.42 41.68 5.87
C SER A 208 -14.42 41.56 4.71
N THR A 209 -14.20 40.34 4.23
CA THR A 209 -13.23 40.10 3.18
C THR A 209 -13.61 38.87 2.37
N GLY A 210 -13.02 38.74 1.19
CA GLY A 210 -13.19 37.55 0.39
C GLY A 210 -11.91 36.75 0.32
N LEU A 211 -11.87 35.73 -0.53
CA LEU A 211 -10.67 34.94 -0.71
C LEU A 211 -9.64 35.71 -1.55
N ALA A 212 -8.36 35.58 -1.23
CA ALA A 212 -7.29 36.11 -2.06
C ALA A 212 -7.38 35.53 -3.47
N ASN A 213 -7.77 34.27 -3.55
CA ASN A 213 -8.08 33.61 -4.81
C ASN A 213 -9.50 33.07 -4.76
N PRO A 214 -10.46 33.86 -5.29
CA PRO A 214 -11.89 33.52 -5.28
C PRO A 214 -12.21 32.20 -5.98
N GLY A 215 -11.34 31.77 -6.88
CA GLY A 215 -11.52 30.50 -7.55
C GLY A 215 -11.47 29.30 -6.61
N GLN A 216 -10.91 29.50 -5.41
CA GLN A 216 -10.85 28.40 -4.45
C GLN A 216 -12.19 28.15 -3.77
N PHE A 217 -13.17 29.01 -4.06
CA PHE A 217 -14.54 28.80 -3.55
C PHE A 217 -15.27 27.81 -4.46
N ALA A 218 -15.53 26.63 -3.92
CA ALA A 218 -16.14 25.56 -4.72
C ALA A 218 -17.64 25.37 -4.50
N GLY A 219 -18.16 25.86 -3.39
CA GLY A 219 -19.56 25.60 -3.09
C GLY A 219 -19.95 25.70 -1.62
N TYR A 220 -21.14 25.23 -1.29
CA TYR A 220 -21.66 25.38 0.06
C TYR A 220 -22.93 24.56 0.26
N THR A 221 -23.36 24.46 1.51
CA THR A 221 -24.67 23.87 1.81
C THR A 221 -25.44 24.84 2.70
N GLY A 222 -26.76 24.68 2.74
CA GLY A 222 -27.59 25.57 3.51
C GLY A 222 -27.91 26.86 2.77
N ALA A 223 -28.56 27.80 3.44
CA ALA A 223 -28.89 29.08 2.84
C ALA A 223 -27.60 29.88 2.64
N ALA A 224 -27.48 30.53 1.49
CA ALA A 224 -26.33 31.39 1.22
C ALA A 224 -26.12 32.42 2.33
N GLU A 225 -27.23 32.86 2.94
CA GLU A 225 -27.22 33.93 3.91
C GLU A 225 -26.93 33.43 5.33
N SER A 226 -26.98 32.11 5.49
CA SER A 226 -26.58 31.46 6.75
C SER A 226 -26.23 29.99 6.48
N PRO A 227 -25.10 29.75 5.79
CA PRO A 227 -24.73 28.43 5.28
C PRO A 227 -24.46 27.42 6.39
N THR A 228 -24.74 26.14 6.12
CA THR A 228 -24.42 25.07 7.06
C THR A 228 -22.99 24.54 6.82
N SER A 229 -22.45 24.83 5.64
CA SER A 229 -21.04 24.54 5.37
C SER A 229 -20.56 25.30 4.13
N VAL A 230 -19.25 25.47 4.07
CA VAL A 230 -18.58 26.14 2.95
C VAL A 230 -17.51 25.19 2.37
N LEU A 231 -17.56 24.94 1.07
CA LEU A 231 -16.62 24.04 0.42
C LEU A 231 -15.55 24.83 -0.32
N LEU A 232 -14.30 24.46 -0.09
CA LEU A 232 -13.14 25.12 -0.73
C LEU A 232 -12.32 24.09 -1.47
N ILE A 233 -11.50 24.52 -2.42
CA ILE A 233 -10.61 23.62 -3.13
C ILE A 233 -9.21 24.23 -3.20
N ASN A 234 -8.19 23.38 -3.01
CA ASN A 234 -6.80 23.78 -3.10
C ASN A 234 -5.96 22.62 -3.61
N HIS A 235 -5.12 22.88 -4.61
CA HIS A 235 -4.34 21.82 -5.27
C HIS A 235 -5.19 20.61 -5.68
N GLY A 236 -6.41 20.87 -6.15
CA GLY A 236 -7.28 19.78 -6.59
C GLY A 236 -7.98 18.96 -5.50
N LEU A 237 -7.76 19.32 -4.23
CA LEU A 237 -8.34 18.62 -3.08
C LEU A 237 -9.33 19.51 -2.34
N HIS A 238 -10.46 18.96 -1.94
CA HIS A 238 -11.50 19.74 -1.27
C HIS A 238 -11.34 19.84 0.24
N ILE A 239 -11.78 20.97 0.77
CA ILE A 239 -11.76 21.26 2.19
C ILE A 239 -13.16 21.78 2.54
N GLU A 240 -13.81 21.19 3.53
CA GLU A 240 -15.16 21.64 3.91
C GLU A 240 -15.22 22.17 5.34
N ILE A 241 -15.68 23.41 5.47
CA ILE A 241 -15.84 24.01 6.79
C ILE A 241 -17.29 23.81 7.23
N LEU A 242 -17.50 23.02 8.29
CA LEU A 242 -18.85 22.75 8.80
C LEU A 242 -19.23 23.82 9.82
N ILE A 243 -20.43 24.37 9.67
CA ILE A 243 -20.88 25.46 10.56
C ILE A 243 -22.07 25.01 11.39
N ASP A 244 -21.90 25.01 12.71
CA ASP A 244 -22.98 24.61 13.63
C ASP A 244 -22.70 25.08 15.04
N PRO A 245 -23.19 26.29 15.40
CA PRO A 245 -23.06 26.83 16.76
C PRO A 245 -23.77 25.96 17.78
N GLU A 246 -24.66 25.09 17.34
CA GLU A 246 -25.37 24.19 18.26
C GLU A 246 -24.62 22.87 18.48
N SER A 247 -23.31 22.91 18.29
CA SER A 247 -22.52 21.73 18.56
C SER A 247 -21.58 22.04 19.72
N GLN A 248 -21.09 20.99 20.36
CA GLN A 248 -20.19 21.12 21.48
CA GLN A 248 -20.04 21.07 21.34
C GLN A 248 -18.73 21.95 21.31
N VAL A 249 -18.38 21.81 19.97
CA VAL A 249 -17.23 22.62 19.53
C VAL A 249 -17.68 23.94 18.89
N GLY A 250 -18.77 23.88 18.14
CA GLY A 250 -19.30 25.07 17.51
C GLY A 250 -19.71 26.12 18.52
N THR A 251 -20.26 25.68 19.65
CA THR A 251 -20.70 26.60 20.69
C THR A 251 -19.59 27.54 21.15
N THR A 252 -18.36 27.00 21.25
CA THR A 252 -17.22 27.77 21.76
C THR A 252 -16.42 28.50 20.68
N ASP A 253 -16.83 28.36 19.42
CA ASP A 253 -16.01 28.85 18.31
C ASP A 253 -16.43 30.25 17.86
N ARG A 254 -15.46 31.08 17.51
CA ARG A 254 -15.74 32.46 17.15
C ARG A 254 -16.64 32.65 15.91
N ALA A 255 -16.70 31.64 15.03
CA ALA A 255 -17.58 31.66 13.86
C ALA A 255 -18.60 30.52 13.87
N GLY A 256 -18.68 29.82 14.99
CA GLY A 256 -19.60 28.69 15.11
C GLY A 256 -19.15 27.47 14.31
N VAL A 257 -17.87 27.42 13.94
CA VAL A 257 -17.37 26.30 13.15
C VAL A 257 -17.33 25.02 13.99
N LYS A 258 -17.87 23.94 13.44
CA LYS A 258 -17.96 22.65 14.12
C LYS A 258 -16.80 21.72 13.75
N ASP A 259 -16.35 21.80 12.50
CA ASP A 259 -15.30 20.91 12.02
C ASP A 259 -14.75 21.39 10.69
N VAL A 260 -13.60 20.86 10.32
CA VAL A 260 -13.07 21.00 8.99
C VAL A 260 -12.90 19.59 8.45
N ILE A 261 -13.56 19.28 7.34
CA ILE A 261 -13.48 17.96 6.74
C ILE A 261 -12.53 18.05 5.57
N LEU A 262 -11.59 17.13 5.48
CA LEU A 262 -10.68 17.09 4.33
C LEU A 262 -10.95 15.90 3.40
N GLU A 263 -10.88 16.14 2.09
CA GLU A 263 -10.81 15.04 1.14
C GLU A 263 -9.44 14.40 1.37
N SER A 264 -9.43 13.10 1.66
CA SER A 264 -8.27 12.43 2.27
C SER A 264 -7.76 11.26 1.43
N ALA A 265 -8.31 10.07 1.67
CA ALA A 265 -7.94 8.91 0.87
C ALA A 265 -8.61 8.96 -0.50
N ILE A 266 -7.90 9.52 -1.48
CA ILE A 266 -8.45 9.69 -2.81
C ILE A 266 -8.64 8.33 -3.48
N THR A 267 -7.69 7.45 -3.22
CA THR A 267 -7.72 6.08 -3.75
C THR A 267 -7.33 5.15 -2.63
N THR A 268 -7.72 3.89 -2.79
CA THR A 268 -7.49 2.86 -1.80
C THR A 268 -7.16 1.57 -2.52
N ILE A 269 -6.18 0.85 -1.99
CA ILE A 269 -5.80 -0.44 -2.54
C ILE A 269 -6.34 -1.52 -1.61
N MET A 270 -7.23 -2.35 -2.13
CA MET A 270 -7.77 -3.50 -1.39
C MET A 270 -6.82 -4.68 -1.60
N ASP A 271 -6.16 -5.13 -0.54
CA ASP A 271 -4.99 -5.98 -0.66
C ASP A 271 -5.29 -7.46 -0.47
N PHE A 272 -4.99 -8.25 -1.50
CA PHE A 272 -4.95 -9.72 -1.42
C PHE A 272 -3.54 -10.27 -1.13
N GLU A 273 -2.54 -9.40 -1.11
CA GLU A 273 -1.17 -9.89 -1.01
C GLU A 273 -0.58 -9.76 0.41
N ASP A 274 0.43 -8.92 0.57
CA ASP A 274 1.25 -8.98 1.77
C ASP A 274 0.59 -8.57 3.10
N SER A 275 -0.55 -7.90 3.04
CA SER A 275 -1.23 -7.58 4.29
C SER A 275 -2.30 -8.62 4.73
N VAL A 276 -2.49 -9.67 3.95
CA VAL A 276 -3.42 -10.73 4.37
C VAL A 276 -2.79 -12.11 4.44
N ALA A 277 -3.42 -12.99 5.22
CA ALA A 277 -2.99 -14.37 5.31
C ALA A 277 -4.06 -15.25 4.66
N ALA A 278 -3.77 -15.81 3.49
CA ALA A 278 -4.75 -16.62 2.75
C ALA A 278 -4.07 -17.78 2.07
N VAL A 279 -4.28 -18.98 2.59
CA VAL A 279 -3.45 -20.13 2.22
C VAL A 279 -4.20 -21.28 1.56
N ASP A 280 -5.49 -21.09 1.34
CA ASP A 280 -6.35 -22.16 0.80
C ASP A 280 -7.60 -21.55 0.18
N ALA A 281 -8.49 -22.40 -0.36
CA ALA A 281 -9.69 -21.92 -1.02
C ALA A 281 -10.60 -21.13 -0.10
N ALA A 282 -10.75 -21.58 1.14
CA ALA A 282 -11.67 -20.92 2.06
C ALA A 282 -11.20 -19.47 2.30
N ASP A 283 -9.89 -19.29 2.46
CA ASP A 283 -9.35 -17.93 2.69
C ASP A 283 -9.52 -17.04 1.48
N LYS A 284 -9.25 -17.57 0.29
CA LYS A 284 -9.39 -16.79 -0.94
C LYS A 284 -10.84 -16.37 -1.15
N VAL A 285 -11.79 -17.26 -0.87
CA VAL A 285 -13.21 -16.95 -1.04
C VAL A 285 -13.69 -15.83 -0.08
N LEU A 286 -13.21 -15.85 1.16
CA LEU A 286 -13.50 -14.76 2.09
C LEU A 286 -13.06 -13.42 1.51
N GLY A 287 -11.87 -13.39 0.93
CA GLY A 287 -11.35 -12.19 0.27
C GLY A 287 -12.13 -11.78 -0.99
N TYR A 288 -12.36 -12.74 -1.88
CA TYR A 288 -13.13 -12.48 -3.09
C TYR A 288 -14.52 -11.95 -2.74
N ARG A 289 -15.13 -12.51 -1.72
CA ARG A 289 -16.49 -12.10 -1.34
C ARG A 289 -16.52 -10.66 -0.79
N ASN A 290 -15.51 -10.24 -0.04
CA ASN A 290 -15.46 -8.84 0.38
C ASN A 290 -15.23 -7.91 -0.81
N TRP A 291 -14.33 -8.30 -1.70
CA TRP A 291 -14.06 -7.53 -2.92
C TRP A 291 -15.33 -7.41 -3.77
N LEU A 292 -16.10 -8.50 -3.83
CA LEU A 292 -17.42 -8.48 -4.49
C LEU A 292 -18.41 -7.50 -3.84
N GLY A 293 -18.53 -7.57 -2.51
CA GLY A 293 -19.41 -6.65 -1.79
C GLY A 293 -19.03 -5.19 -2.00
N LEU A 294 -17.73 -4.93 -2.03
CA LEU A 294 -17.27 -3.57 -2.25
C LEU A 294 -17.67 -3.08 -3.64
N ASN A 295 -17.49 -3.92 -4.65
CA ASN A 295 -17.82 -3.52 -6.00
C ASN A 295 -19.32 -3.43 -6.28
N LYS A 296 -20.11 -4.27 -5.60
CA LYS A 296 -21.56 -4.17 -5.72
C LYS A 296 -22.19 -3.08 -4.86
N GLY A 297 -21.42 -2.55 -3.93
CA GLY A 297 -21.87 -1.50 -3.05
C GLY A 297 -22.67 -1.99 -1.85
N ASP A 298 -22.70 -3.30 -1.65
CA ASP A 298 -23.56 -3.86 -0.61
C ASP A 298 -22.83 -4.57 0.54
N LEU A 299 -21.50 -4.43 0.60
CA LEU A 299 -20.75 -4.96 1.74
C LEU A 299 -21.28 -4.30 3.01
N ALA A 300 -21.64 -5.11 3.99
CA ALA A 300 -22.07 -4.59 5.28
C ALA A 300 -21.44 -5.39 6.40
N ALA A 301 -20.62 -4.71 7.21
CA ALA A 301 -19.94 -5.35 8.33
C ALA A 301 -20.39 -4.75 9.67
N ARG A 312 -20.77 0.47 9.28
CA ARG A 312 -21.50 -0.73 8.88
C ARG A 312 -21.70 -0.80 7.35
N VAL A 313 -22.01 0.31 6.69
CA VAL A 313 -22.23 0.31 5.23
C VAL A 313 -21.42 1.39 4.46
N LEU A 314 -21.39 1.28 3.13
CA LEU A 314 -20.67 2.23 2.28
C LEU A 314 -21.40 3.55 2.15
N ASN A 315 -20.64 4.64 2.09
CA ASN A 315 -21.19 6.00 2.01
C ASN A 315 -21.73 6.35 0.64
N ARG A 316 -22.71 7.24 0.59
CA ARG A 316 -23.20 7.74 -0.68
C ARG A 316 -22.43 9.01 -1.06
N ASP A 317 -22.67 9.53 -2.26
CA ASP A 317 -22.02 10.76 -2.72
C ASP A 317 -22.52 11.98 -1.96
N ARG A 318 -21.73 13.05 -2.00
CA ARG A 318 -22.02 14.27 -1.24
C ARG A 318 -22.63 15.36 -2.13
N ASN A 319 -23.73 15.96 -1.67
CA ASN A 319 -24.42 17.01 -2.43
C ASN A 319 -24.00 18.42 -2.03
N TYR A 320 -23.79 19.27 -3.03
CA TYR A 320 -23.39 20.65 -2.81
C TYR A 320 -24.19 21.63 -3.67
N THR A 321 -24.21 22.88 -3.24
CA THR A 321 -24.67 23.97 -4.10
C THR A 321 -23.44 24.69 -4.66
N ALA A 322 -23.40 24.87 -5.98
CA ALA A 322 -22.32 25.61 -6.64
C ALA A 322 -22.31 27.11 -6.26
N PRO A 323 -21.18 27.82 -6.46
CA PRO A 323 -21.13 29.22 -6.01
C PRO A 323 -22.25 30.09 -6.59
N GLY A 324 -22.49 29.98 -7.89
CA GLY A 324 -23.57 30.73 -8.54
C GLY A 324 -24.96 30.26 -8.18
N GLY A 325 -25.06 29.08 -7.58
CA GLY A 325 -26.33 28.64 -7.02
C GLY A 325 -26.91 27.35 -7.57
N GLY A 326 -26.28 26.80 -8.61
CA GLY A 326 -26.70 25.51 -9.17
C GLY A 326 -26.23 24.32 -8.33
N GLN A 327 -26.60 23.10 -8.72
CA GLN A 327 -26.31 21.91 -7.92
C GLN A 327 -25.24 21.00 -8.51
N PHE A 328 -24.49 20.32 -7.65
CA PHE A 328 -23.53 19.30 -8.08
C PHE A 328 -23.21 18.29 -6.99
N THR A 329 -22.55 17.21 -7.37
CA THR A 329 -22.16 16.19 -6.41
C THR A 329 -20.66 15.89 -6.48
N LEU A 330 -20.13 15.31 -5.40
CA LEU A 330 -18.75 14.81 -5.38
C LEU A 330 -18.75 13.40 -4.83
N PRO A 331 -17.84 12.54 -5.33
CA PRO A 331 -17.77 11.16 -4.87
C PRO A 331 -17.58 11.05 -3.36
N GLY A 332 -18.28 10.12 -2.75
CA GLY A 332 -18.22 9.95 -1.32
C GLY A 332 -17.25 8.83 -0.95
N ARG A 333 -16.76 8.12 -1.97
CA ARG A 333 -15.94 6.94 -1.75
C ARG A 333 -14.53 7.09 -2.37
N SER A 334 -13.57 6.40 -1.76
CA SER A 334 -12.24 6.24 -2.34
C SER A 334 -12.33 5.38 -3.59
N LEU A 335 -11.64 5.76 -4.66
CA LEU A 335 -11.56 4.95 -5.86
C LEU A 335 -10.67 3.73 -5.59
N MET A 336 -11.20 2.54 -5.89
CA MET A 336 -10.55 1.29 -5.47
C MET A 336 -9.61 0.64 -6.51
N PHE A 337 -8.40 0.30 -6.08
CA PHE A 337 -7.56 -0.69 -6.75
C PHE A 337 -7.67 -2.01 -6.00
N VAL A 338 -7.23 -3.09 -6.64
CA VAL A 338 -7.02 -4.36 -5.96
C VAL A 338 -5.56 -4.82 -6.15
N ARG A 339 -4.90 -5.22 -5.07
CA ARG A 339 -3.53 -5.74 -5.22
C ARG A 339 -3.61 -7.25 -5.28
N ASN A 340 -3.41 -7.81 -6.48
CA ASN A 340 -3.33 -9.25 -6.65
C ASN A 340 -2.00 -9.77 -6.06
N VAL A 341 -1.86 -11.08 -5.85
CA VAL A 341 -0.54 -11.62 -5.57
C VAL A 341 0.33 -11.65 -6.85
N GLY A 342 1.63 -11.83 -6.68
CA GLY A 342 2.58 -11.83 -7.79
C GLY A 342 2.78 -13.21 -8.39
N HIS A 343 3.90 -13.41 -9.09
CA HIS A 343 4.08 -14.58 -9.95
C HIS A 343 4.52 -15.89 -9.26
N LEU A 344 4.90 -15.81 -7.99
CA LEU A 344 5.57 -16.95 -7.35
C LEU A 344 4.65 -18.11 -6.92
N MET A 345 3.64 -17.80 -6.13
CA MET A 345 2.98 -18.82 -5.31
C MET A 345 1.89 -19.57 -6.04
N THR A 346 1.67 -20.81 -5.64
CA THR A 346 0.50 -21.55 -6.07
C THR A 346 -0.45 -21.63 -4.89
N ASN A 347 -1.68 -22.05 -5.16
CA ASN A 347 -2.67 -22.18 -4.11
C ASN A 347 -3.57 -23.35 -4.47
N ASP A 348 -3.92 -24.16 -3.48
CA ASP A 348 -4.67 -25.38 -3.77
C ASP A 348 -6.19 -25.19 -3.96
N ALA A 349 -6.62 -23.94 -4.08
CA ALA A 349 -7.99 -23.63 -4.51
C ALA A 349 -8.31 -24.30 -5.85
N ILE A 350 -7.29 -24.50 -6.66
CA ILE A 350 -7.43 -25.27 -7.90
C ILE A 350 -6.19 -26.10 -8.03
N VAL A 351 -6.37 -27.38 -8.34
CA VAL A 351 -5.22 -28.23 -8.67
C VAL A 351 -5.48 -28.94 -10.00
N ASP A 352 -4.44 -29.48 -10.60
CA ASP A 352 -4.66 -30.22 -11.83
C ASP A 352 -4.85 -31.69 -11.50
N THR A 353 -4.98 -32.51 -12.54
CA THR A 353 -5.28 -33.93 -12.37
C THR A 353 -4.16 -34.66 -11.63
N ASP A 354 -2.97 -34.06 -11.64
CA ASP A 354 -1.81 -34.63 -10.97
C ASP A 354 -1.70 -34.21 -9.50
N GLY A 355 -2.61 -33.33 -9.07
CA GLY A 355 -2.57 -32.82 -7.71
C GLY A 355 -1.74 -31.56 -7.57
N SER A 356 -1.18 -31.08 -8.67
CA SER A 356 -0.32 -29.90 -8.58
C SER A 356 -1.15 -28.62 -8.55
N GLU A 357 -0.80 -27.74 -7.61
CA GLU A 357 -1.53 -26.50 -7.40
C GLU A 357 -1.37 -25.54 -8.56
N VAL A 358 -2.39 -24.72 -8.77
CA VAL A 358 -2.39 -23.76 -9.85
C VAL A 358 -1.76 -22.43 -9.36
N PHE A 359 -1.10 -21.71 -10.25
CA PHE A 359 -0.51 -20.40 -9.92
C PHE A 359 -1.57 -19.41 -9.44
N GLU A 360 -1.31 -18.77 -8.30
CA GLU A 360 -2.30 -17.95 -7.62
C GLU A 360 -2.45 -16.58 -8.31
N GLY A 361 -1.37 -16.07 -8.87
CA GLY A 361 -1.45 -14.82 -9.62
C GLY A 361 -2.37 -14.94 -10.82
N ILE A 362 -2.34 -16.09 -11.49
CA ILE A 362 -3.22 -16.29 -12.63
C ILE A 362 -4.67 -16.31 -12.15
N MET A 363 -4.90 -17.03 -11.07
CA MET A 363 -6.23 -17.08 -10.50
C MET A 363 -6.75 -15.71 -10.07
N ASP A 364 -5.92 -14.90 -9.42
CA ASP A 364 -6.34 -13.57 -8.99
C ASP A 364 -6.78 -12.69 -10.17
N ALA A 365 -6.05 -12.74 -11.27
CA ALA A 365 -6.39 -11.91 -12.43
C ALA A 365 -7.78 -12.29 -12.93
N LEU A 366 -8.01 -13.59 -13.08
CA LEU A 366 -9.31 -14.10 -13.50
C LEU A 366 -10.45 -13.73 -12.55
N PHE A 367 -10.27 -14.03 -11.27
CA PHE A 367 -11.36 -13.81 -10.29
C PHE A 367 -11.54 -12.37 -9.81
N THR A 368 -10.45 -11.65 -9.50
CA THR A 368 -10.62 -10.26 -9.09
C THR A 368 -11.09 -9.40 -10.27
N GLY A 369 -10.67 -9.78 -11.47
CA GLY A 369 -11.11 -9.12 -12.68
C GLY A 369 -12.59 -9.34 -12.96
N LEU A 370 -13.03 -10.60 -12.89
CA LEU A 370 -14.45 -10.93 -12.98
C LEU A 370 -15.27 -10.09 -12.00
N ILE A 371 -14.88 -10.13 -10.75
CA ILE A 371 -15.58 -9.42 -9.69
C ILE A 371 -15.62 -7.90 -9.92
N ALA A 372 -14.53 -7.33 -10.42
CA ALA A 372 -14.44 -5.89 -10.67
C ALA A 372 -15.46 -5.40 -11.71
N ILE A 373 -15.99 -6.31 -12.53
CA ILE A 373 -17.01 -5.88 -13.49
C ILE A 373 -18.20 -5.25 -12.77
N HIS A 374 -18.55 -5.76 -11.59
CA HIS A 374 -19.64 -5.18 -10.82
C HIS A 374 -19.46 -3.71 -10.44
N GLY A 375 -18.21 -3.31 -10.25
CA GLY A 375 -17.92 -1.94 -9.86
C GLY A 375 -17.97 -0.99 -11.06
N LEU A 376 -18.21 -1.55 -12.24
CA LEU A 376 -18.40 -0.75 -13.45
C LEU A 376 -19.88 -0.59 -13.77
N LYS A 377 -20.74 -1.11 -12.91
CA LYS A 377 -22.18 -1.07 -13.12
C LYS A 377 -22.93 -0.57 -11.89
N ALA A 378 -24.18 -0.18 -12.11
CA ALA A 378 -25.03 0.40 -11.06
C ALA A 378 -25.20 -0.52 -9.88
N SER A 379 -25.08 0.05 -8.69
CA SER A 379 -25.19 -0.70 -7.44
C SER A 379 -26.61 -1.15 -7.09
N ASP A 380 -27.03 -0.88 -5.86
CA ASP A 380 -28.33 -1.32 -5.37
C ASP A 380 -29.34 -0.19 -5.30
N GLY A 383 -28.07 2.65 -6.30
CA GLY A 383 -27.64 3.96 -6.78
C GLY A 383 -26.67 3.86 -7.95
N PRO A 384 -25.93 4.94 -8.19
CA PRO A 384 -24.90 4.96 -9.24
C PRO A 384 -23.92 3.81 -9.04
N LEU A 385 -23.14 3.53 -10.10
CA LEU A 385 -22.09 2.53 -10.02
C LEU A 385 -21.07 3.02 -9.02
N ILE A 386 -20.43 2.10 -8.33
CA ILE A 386 -19.56 2.52 -7.24
C ILE A 386 -18.12 2.91 -7.62
N ASN A 387 -17.53 2.33 -8.67
CA ASN A 387 -16.05 2.49 -8.81
C ASN A 387 -15.50 3.35 -9.96
N SER A 388 -15.26 2.75 -11.13
CA SER A 388 -14.67 3.50 -12.24
C SER A 388 -15.71 3.94 -13.28
N ARG A 389 -15.92 5.25 -13.38
CA ARG A 389 -16.89 5.76 -14.36
C ARG A 389 -16.30 5.74 -15.78
N THR A 390 -14.98 5.73 -15.86
CA THR A 390 -14.31 5.72 -17.15
C THR A 390 -14.13 4.30 -17.72
N GLY A 391 -14.46 3.29 -16.92
CA GLY A 391 -14.51 1.92 -17.42
C GLY A 391 -13.24 1.09 -17.22
N SER A 392 -12.37 1.49 -16.30
CA SER A 392 -11.15 0.73 -16.06
C SER A 392 -11.25 -0.15 -14.80
N ILE A 393 -10.46 -1.22 -14.80
CA ILE A 393 -10.27 -2.06 -13.63
C ILE A 393 -8.80 -1.87 -13.19
N TYR A 394 -8.57 -1.55 -11.93
CA TYR A 394 -7.23 -1.13 -11.47
C TYR A 394 -6.55 -2.19 -10.61
N ILE A 395 -5.54 -2.86 -11.17
CA ILE A 395 -4.90 -3.97 -10.45
C ILE A 395 -3.45 -3.65 -10.11
N VAL A 396 -3.10 -3.73 -8.84
CA VAL A 396 -1.70 -3.57 -8.44
C VAL A 396 -1.00 -4.93 -8.52
N LYS A 397 0.09 -4.99 -9.27
CA LYS A 397 0.81 -6.24 -9.42
C LYS A 397 2.16 -6.14 -8.71
N PRO A 398 2.32 -6.92 -7.63
CA PRO A 398 3.54 -6.82 -6.80
C PRO A 398 4.66 -7.77 -7.25
N LYS A 399 5.86 -7.51 -6.74
CA LYS A 399 6.99 -8.46 -6.80
C LYS A 399 7.41 -8.95 -8.20
N MET A 400 7.32 -8.09 -9.20
CA MET A 400 7.83 -8.44 -10.52
C MET A 400 9.33 -8.16 -10.64
N HIS A 401 10.02 -9.02 -11.37
CA HIS A 401 11.47 -8.89 -11.61
C HIS A 401 11.74 -8.66 -13.08
N GLY A 402 11.80 -7.40 -13.50
CA GLY A 402 12.21 -7.10 -14.86
C GLY A 402 11.11 -7.07 -15.91
N PRO A 403 11.45 -6.57 -17.11
CA PRO A 403 10.45 -6.30 -18.16
C PRO A 403 9.74 -7.52 -18.76
N ALA A 404 10.40 -8.67 -18.87
CA ALA A 404 9.69 -9.89 -19.32
C ALA A 404 8.52 -10.28 -18.39
N GLU A 405 8.71 -10.12 -17.08
CA GLU A 405 7.63 -10.39 -16.10
C GLU A 405 6.50 -9.36 -16.18
N VAL A 406 6.83 -8.11 -16.45
CA VAL A 406 5.79 -7.12 -16.74
C VAL A 406 4.97 -7.47 -18.01
N ALA A 407 5.68 -7.83 -19.08
CA ALA A 407 5.03 -8.24 -20.33
C ALA A 407 4.12 -9.44 -20.11
N PHE A 408 4.59 -10.40 -19.35
CA PHE A 408 3.81 -11.57 -18.98
C PHE A 408 2.51 -11.16 -18.25
N THR A 409 2.63 -10.22 -17.31
CA THR A 409 1.45 -9.73 -16.61
C THR A 409 0.48 -9.10 -17.61
N CYS A 410 0.99 -8.31 -18.53
CA CYS A 410 0.13 -7.67 -19.53
C CYS A 410 -0.55 -8.70 -20.43
N GLU A 411 0.18 -9.74 -20.81
CA GLU A 411 -0.40 -10.79 -21.62
C GLU A 411 -1.48 -11.56 -20.84
N LEU A 412 -1.21 -11.88 -19.57
CA LEU A 412 -2.23 -12.46 -18.68
C LEU A 412 -3.50 -11.60 -18.67
N PHE A 413 -3.35 -10.29 -18.49
CA PHE A 413 -4.51 -9.38 -18.44
C PHE A 413 -5.27 -9.36 -19.77
N SER A 414 -4.52 -9.32 -20.88
CA SER A 414 -5.11 -9.45 -22.22
C SER A 414 -5.97 -10.70 -22.37
N ARG A 415 -5.45 -11.84 -21.95
CA ARG A 415 -6.19 -13.12 -22.02
C ARG A 415 -7.41 -13.14 -21.11
N VAL A 416 -7.31 -12.51 -19.94
CA VAL A 416 -8.43 -12.44 -19.03
C VAL A 416 -9.54 -11.57 -19.61
N GLU A 417 -9.15 -10.43 -20.18
CA GLU A 417 -10.10 -9.57 -20.89
C GLU A 417 -10.91 -10.34 -21.94
N ASP A 418 -10.25 -11.24 -22.66
CA ASP A 418 -10.96 -12.04 -23.65
C ASP A 418 -11.96 -13.01 -23.01
N VAL A 419 -11.52 -13.75 -22.00
CA VAL A 419 -12.42 -14.61 -21.23
C VAL A 419 -13.62 -13.83 -20.68
N LEU A 420 -13.37 -12.61 -20.23
CA LEU A 420 -14.41 -11.81 -19.57
C LEU A 420 -15.28 -11.01 -20.52
N GLY A 421 -14.94 -10.99 -21.80
CA GLY A 421 -15.67 -10.19 -22.77
C GLY A 421 -15.42 -8.70 -22.64
N LEU A 422 -14.30 -8.34 -22.05
CA LEU A 422 -13.98 -6.93 -21.84
C LEU A 422 -13.11 -6.41 -22.98
N PRO A 423 -13.21 -5.10 -23.25
CA PRO A 423 -12.33 -4.52 -24.26
C PRO A 423 -10.87 -4.64 -23.81
N GLN A 424 -9.97 -4.79 -24.77
CA GLN A 424 -8.54 -4.84 -24.47
C GLN A 424 -8.11 -3.58 -23.72
N ASN A 425 -7.21 -3.76 -22.75
CA ASN A 425 -6.69 -2.68 -21.91
C ASN A 425 -7.66 -2.11 -20.87
N THR A 426 -8.78 -2.79 -20.64
CA THR A 426 -9.65 -2.45 -19.52
C THR A 426 -8.87 -2.62 -18.22
N MET A 427 -8.12 -3.72 -18.12
CA MET A 427 -7.37 -4.05 -16.91
C MET A 427 -6.03 -3.29 -16.84
N LYS A 428 -6.00 -2.27 -15.99
CA LYS A 428 -4.84 -1.40 -15.83
C LYS A 428 -3.89 -1.96 -14.77
N ILE A 429 -2.64 -1.53 -14.82
CA ILE A 429 -1.64 -2.08 -13.90
C ILE A 429 -0.94 -1.02 -13.08
N GLY A 430 -0.95 -1.22 -11.77
CA GLY A 430 -0.13 -0.43 -10.88
C GLY A 430 1.13 -1.25 -10.64
N ILE A 431 2.26 -0.76 -11.15
CA ILE A 431 3.52 -1.48 -11.03
C ILE A 431 4.23 -1.17 -9.70
N MET A 432 4.40 -2.20 -8.88
CA MET A 432 5.30 -2.07 -7.74
C MET A 432 6.74 -2.12 -8.25
N ASP A 433 7.53 -1.10 -7.94
CA ASP A 433 8.98 -1.13 -8.13
C ASP A 433 9.55 -1.53 -6.75
N GLU A 434 9.74 -2.84 -6.59
CA GLU A 434 10.06 -3.37 -5.30
C GLU A 434 11.01 -4.56 -5.35
N GLU A 435 11.64 -4.74 -6.51
CA GLU A 435 12.65 -5.78 -6.74
C GLU A 435 13.78 -5.14 -7.56
N ARG A 436 15.02 -5.50 -7.25
CA ARG A 436 16.19 -4.85 -7.86
C ARG A 436 16.23 -4.95 -9.38
N ARG A 437 15.81 -6.08 -9.92
CA ARG A 437 15.90 -6.27 -11.36
C ARG A 437 14.84 -5.41 -12.10
N THR A 438 13.81 -5.00 -11.38
CA THR A 438 12.86 -4.03 -11.93
C THR A 438 13.44 -2.63 -11.82
N THR A 439 14.01 -2.32 -10.66
CA THR A 439 14.65 -1.02 -10.43
C THR A 439 15.65 -0.65 -11.53
N VAL A 440 16.56 -1.55 -11.85
CA VAL A 440 17.62 -1.21 -12.77
C VAL A 440 17.20 -1.32 -14.22
N ASN A 441 15.99 -1.81 -14.45
CA ASN A 441 15.42 -1.88 -15.79
C ASN A 441 14.07 -1.17 -15.84
N LEU A 442 13.90 -0.13 -15.03
CA LEU A 442 12.56 0.45 -14.81
C LEU A 442 11.90 1.00 -16.08
N LYS A 443 12.68 1.70 -16.88
CA LYS A 443 12.17 2.32 -18.10
C LYS A 443 11.60 1.26 -19.02
N ALA A 444 12.33 0.16 -19.17
CA ALA A 444 11.87 -0.98 -19.97
C ALA A 444 10.62 -1.62 -19.39
N CYS A 445 10.53 -1.67 -18.05
CA CYS A 445 9.34 -2.20 -17.38
C CYS A 445 8.12 -1.32 -17.67
N ILE A 446 8.29 -0.01 -17.55
CA ILE A 446 7.18 0.91 -17.87
C ILE A 446 6.76 0.75 -19.35
N LYS A 447 7.76 0.66 -20.23
CA LYS A 447 7.52 0.44 -21.66
C LYS A 447 6.73 -0.83 -21.94
N ALA A 448 7.01 -1.90 -21.21
CA ALA A 448 6.31 -3.14 -21.45
C ALA A 448 4.83 -3.00 -21.14
N ALA A 449 4.48 -2.02 -20.31
CA ALA A 449 3.09 -1.83 -19.92
C ALA A 449 2.58 -0.45 -20.32
N ALA A 450 3.15 0.11 -21.39
CA ALA A 450 2.90 1.52 -21.72
C ALA A 450 1.43 1.88 -22.03
N ASP A 451 0.60 0.89 -22.34
CA ASP A 451 -0.82 1.18 -22.58
C ASP A 451 -1.72 0.70 -21.44
N ARG A 452 -1.11 0.21 -20.36
CA ARG A 452 -1.86 -0.34 -19.23
C ARG A 452 -1.48 0.32 -17.89
N VAL A 453 -0.31 0.94 -17.83
CA VAL A 453 0.21 1.41 -16.54
C VAL A 453 -0.53 2.64 -16.00
N VAL A 454 -0.95 2.56 -14.73
CA VAL A 454 -1.60 3.69 -14.05
C VAL A 454 -0.81 4.20 -12.83
N PHE A 455 0.16 3.40 -12.37
CA PHE A 455 1.17 3.90 -11.43
C PHE A 455 2.46 3.12 -11.44
N ILE A 456 3.49 3.76 -10.88
CA ILE A 456 4.65 3.06 -10.35
C ILE A 456 4.74 3.47 -8.89
N ASN A 457 5.20 2.57 -8.02
CA ASN A 457 5.29 2.87 -6.59
C ASN A 457 6.50 2.17 -6.03
N THR A 458 7.30 2.89 -5.24
CA THR A 458 8.48 2.29 -4.61
C THR A 458 8.08 1.50 -3.39
N GLY A 459 7.88 0.19 -3.55
CA GLY A 459 7.61 -0.65 -2.39
C GLY A 459 8.93 -0.90 -1.67
N PHE A 460 9.35 0.02 -0.80
CA PHE A 460 10.71 0.03 -0.28
C PHE A 460 11.04 -1.13 0.69
N LEU A 461 10.03 -1.72 1.33
CA LEU A 461 10.30 -2.79 2.27
C LEU A 461 10.68 -4.05 1.51
N ASP A 462 9.84 -4.48 0.57
CA ASP A 462 10.22 -5.60 -0.30
C ASP A 462 11.55 -5.34 -1.00
N ARG A 463 11.75 -4.11 -1.46
CA ARG A 463 12.94 -3.78 -2.23
C ARG A 463 14.19 -4.01 -1.37
N THR A 464 14.06 -3.68 -0.09
CA THR A 464 15.14 -3.89 0.87
C THR A 464 15.40 -5.39 1.05
N GLY A 465 14.32 -6.18 1.19
CA GLY A 465 14.46 -7.64 1.26
C GLY A 465 15.19 -8.20 0.04
N ASP A 466 14.81 -7.73 -1.14
CA ASP A 466 15.48 -8.17 -2.37
C ASP A 466 16.94 -7.72 -2.44
N GLU A 467 17.23 -6.51 -1.97
CA GLU A 467 18.62 -6.01 -1.95
C GLU A 467 19.48 -6.95 -1.12
N ILE A 468 19.02 -7.35 0.05
CA ILE A 468 19.80 -8.25 0.90
C ILE A 468 20.00 -9.64 0.28
N HIS A 469 18.93 -10.22 -0.25
CA HIS A 469 19.06 -11.55 -0.81
C HIS A 469 19.95 -11.59 -2.07
N THR A 470 19.83 -10.57 -2.91
CA THR A 470 20.55 -10.55 -4.17
C THR A 470 22.06 -10.55 -3.94
N SER A 471 22.49 -9.83 -2.92
CA SER A 471 23.92 -9.71 -2.61
C SER A 471 24.31 -10.47 -1.35
N MET A 472 23.51 -11.49 -1.02
CA MET A 472 23.69 -12.32 0.17
C MET A 472 25.13 -12.82 0.34
N GLU A 473 25.74 -13.23 -0.78
CA GLU A 473 27.09 -13.79 -0.78
C GLU A 473 28.21 -12.74 -0.74
N ALA A 474 27.88 -11.47 -0.98
CA ALA A 474 28.89 -10.40 -1.02
C ALA A 474 29.55 -10.11 0.33
N GLY A 475 28.79 -10.21 1.41
CA GLY A 475 29.28 -9.89 2.74
C GLY A 475 28.17 -9.47 3.68
N PRO A 476 28.52 -9.17 4.93
CA PRO A 476 27.50 -8.77 5.90
C PRO A 476 26.91 -7.39 5.56
N MET A 477 25.60 -7.27 5.70
CA MET A 477 24.87 -6.02 5.43
C MET A 477 24.78 -5.12 6.65
N VAL A 478 24.49 -3.83 6.44
CA VAL A 478 24.20 -2.92 7.53
C VAL A 478 22.92 -3.33 8.26
N ARG A 479 22.72 -2.73 9.44
CA ARG A 479 21.56 -2.99 10.27
C ARG A 479 20.26 -2.54 9.59
N LYS A 480 19.14 -3.15 10.01
CA LYS A 480 17.83 -2.87 9.42
C LYS A 480 17.45 -1.37 9.41
N GLY A 481 17.68 -0.70 10.53
CA GLY A 481 17.34 0.72 10.66
C GLY A 481 18.24 1.61 9.83
N THR A 482 19.41 1.10 9.47
CA THR A 482 20.37 1.81 8.62
C THR A 482 19.96 1.81 7.16
N MET A 483 19.22 0.78 6.76
CA MET A 483 18.87 0.59 5.35
C MET A 483 18.14 1.75 4.68
N LYS A 484 17.23 2.40 5.40
CA LYS A 484 16.42 3.48 4.82
C LYS A 484 17.23 4.71 4.44
N SER A 485 18.50 4.75 4.83
CA SER A 485 19.33 5.93 4.53
C SER A 485 20.55 5.59 3.67
N GLN A 486 20.62 4.33 3.21
CA GLN A 486 21.72 3.89 2.34
C GLN A 486 21.65 4.52 0.96
N PRO A 487 22.82 4.74 0.35
CA PRO A 487 22.85 5.29 -1.01
C PRO A 487 21.97 4.56 -2.02
N TRP A 488 21.95 3.23 -2.00
CA TRP A 488 21.17 2.49 -3.00
C TRP A 488 19.69 2.86 -2.96
N ILE A 489 19.14 3.08 -1.76
CA ILE A 489 17.70 3.28 -1.62
C ILE A 489 17.29 4.73 -1.95
N LEU A 490 18.14 5.68 -1.57
CA LEU A 490 17.93 7.07 -1.96
C LEU A 490 18.00 7.20 -3.48
N ALA A 491 18.96 6.51 -4.10
CA ALA A 491 19.02 6.53 -5.56
C ALA A 491 17.79 5.85 -6.19
N TYR A 492 17.42 4.69 -5.65
CA TYR A 492 16.20 3.98 -6.05
C TYR A 492 14.94 4.89 -6.04
N GLU A 493 14.77 5.69 -4.99
CA GLU A 493 13.58 6.53 -4.86
C GLU A 493 13.58 7.64 -5.94
N ASP A 494 14.72 8.27 -6.13
CA ASP A 494 14.83 9.34 -7.13
C ASP A 494 14.68 8.81 -8.56
N HIS A 495 15.38 7.71 -8.83
CA HIS A 495 15.32 7.04 -10.13
C HIS A 495 13.89 6.69 -10.51
N ASN A 496 13.10 6.24 -9.53
CA ASN A 496 11.71 5.87 -9.80
C ASN A 496 10.92 7.10 -10.32
N VAL A 497 11.00 8.20 -9.57
CA VAL A 497 10.36 9.45 -9.97
C VAL A 497 10.84 9.91 -11.35
N ASP A 498 12.16 9.93 -11.55
CA ASP A 498 12.73 10.33 -12.83
C ASP A 498 12.14 9.53 -14.00
N ALA A 499 12.06 8.21 -13.83
CA ALA A 499 11.58 7.35 -14.89
C ALA A 499 10.11 7.60 -15.19
N GLY A 500 9.31 7.76 -14.15
CA GLY A 500 7.90 8.04 -14.35
C GLY A 500 7.68 9.33 -15.12
N LEU A 501 8.35 10.39 -14.69
CA LEU A 501 8.12 11.71 -15.28
C LEU A 501 8.61 11.74 -16.73
N ALA A 502 9.73 11.08 -17.00
CA ALA A 502 10.25 10.93 -18.37
C ALA A 502 9.30 10.14 -19.27
N ALA A 503 8.54 9.21 -18.71
CA ALA A 503 7.57 8.46 -19.48
C ALA A 503 6.23 9.18 -19.59
N GLY A 504 6.20 10.44 -19.14
CA GLY A 504 5.01 11.27 -19.25
C GLY A 504 3.92 10.98 -18.23
N PHE A 505 4.30 10.54 -17.03
CA PHE A 505 3.29 10.22 -16.01
C PHE A 505 2.52 11.46 -15.55
N SER A 506 3.18 12.61 -15.54
CA SER A 506 2.53 13.83 -15.08
C SER A 506 1.24 14.06 -15.88
N GLY A 507 0.12 14.11 -15.17
CA GLY A 507 -1.17 14.25 -15.81
C GLY A 507 -1.74 12.97 -16.41
N ARG A 508 -1.05 11.85 -16.26
CA ARG A 508 -1.50 10.59 -16.86
C ARG A 508 -1.51 9.40 -15.90
N ALA A 509 -0.54 9.35 -14.98
CA ALA A 509 -0.43 8.20 -14.08
C ALA A 509 0.21 8.63 -12.76
N GLN A 510 -0.03 7.84 -11.71
CA GLN A 510 0.50 8.20 -10.39
C GLN A 510 1.98 7.84 -10.27
N VAL A 511 2.74 8.71 -9.64
CA VAL A 511 4.10 8.36 -9.17
C VAL A 511 4.01 8.28 -7.65
N GLY A 512 4.16 7.07 -7.11
CA GLY A 512 3.83 6.79 -5.72
C GLY A 512 5.01 6.40 -4.85
N LYS A 513 4.92 6.73 -3.56
CA LYS A 513 5.92 6.30 -2.60
C LYS A 513 5.32 5.52 -1.43
N GLY A 514 6.18 5.06 -0.53
CA GLY A 514 5.80 4.01 0.43
C GLY A 514 5.07 4.37 1.72
N MET A 515 4.88 3.34 2.55
CA MET A 515 4.03 3.40 3.73
C MET A 515 4.69 4.02 4.95
N TRP A 516 3.93 4.84 5.67
CA TRP A 516 4.31 5.25 7.02
C TRP A 516 3.83 4.18 7.99
N THR A 517 4.74 3.55 8.70
CA THR A 517 4.40 2.36 9.47
C THR A 517 4.11 2.61 10.96
N MET A 518 4.53 3.76 11.49
CA MET A 518 4.35 4.07 12.90
C MET A 518 3.02 4.74 13.17
N THR A 519 2.02 3.92 13.42
CA THR A 519 0.63 4.37 13.43
C THR A 519 0.31 5.38 14.54
N GLU A 520 1.05 5.33 15.63
CA GLU A 520 0.78 6.25 16.74
C GLU A 520 1.65 7.51 16.69
N LEU A 521 2.65 7.51 15.81
CA LEU A 521 3.54 8.66 15.73
C LEU A 521 3.11 9.61 14.62
N MET A 522 1.96 10.24 14.80
CA MET A 522 1.40 11.11 13.78
C MET A 522 2.06 12.48 13.70
N ALA A 523 2.50 13.00 14.85
CA ALA A 523 3.28 14.25 14.82
C ALA A 523 4.53 14.03 13.96
N ASP A 524 5.20 12.90 14.16
CA ASP A 524 6.38 12.59 13.37
C ASP A 524 6.00 12.44 11.90
N MET A 525 4.84 11.81 11.64
CA MET A 525 4.38 11.67 10.27
C MET A 525 4.17 13.04 9.63
N VAL A 526 3.48 13.92 10.33
CA VAL A 526 3.17 15.24 9.78
C VAL A 526 4.47 16.03 9.53
N GLU A 527 5.46 15.85 10.41
CA GLU A 527 6.74 16.55 10.24
C GLU A 527 7.55 16.05 9.04
N THR A 528 7.58 14.72 8.84
CA THR A 528 8.60 14.15 7.94
C THR A 528 8.09 13.62 6.58
N LYS A 529 6.87 13.10 6.54
CA LYS A 529 6.35 12.45 5.33
C LYS A 529 6.08 13.47 4.21
N ILE A 530 6.09 14.76 4.56
CA ILE A 530 6.04 15.84 3.57
C ILE A 530 7.16 15.71 2.52
N ALA A 531 8.23 15.00 2.88
CA ALA A 531 9.34 14.75 1.97
C ALA A 531 8.91 14.07 0.68
N GLN A 532 7.88 13.23 0.75
CA GLN A 532 7.45 12.49 -0.43
C GLN A 532 6.81 13.38 -1.51
N PRO A 533 5.78 14.16 -1.16
CA PRO A 533 5.33 15.06 -2.23
C PRO A 533 6.41 16.07 -2.64
N ARG A 534 7.28 16.48 -1.72
CA ARG A 534 8.38 17.38 -2.10
C ARG A 534 9.32 16.74 -3.12
N ALA A 535 9.39 15.42 -3.10
CA ALA A 535 10.19 14.67 -4.05
C ALA A 535 9.43 14.41 -5.37
N GLY A 536 8.23 14.96 -5.48
CA GLY A 536 7.46 14.82 -6.70
C GLY A 536 6.50 13.62 -6.81
N ALA A 537 6.28 12.93 -5.70
CA ALA A 537 5.32 11.82 -5.66
C ALA A 537 3.90 12.37 -5.61
N SER A 538 3.05 11.94 -6.55
CA SER A 538 1.68 12.41 -6.56
C SER A 538 0.81 11.59 -5.60
N THR A 539 1.37 10.51 -5.04
CA THR A 539 0.69 9.80 -3.97
C THR A 539 1.69 9.06 -3.11
N ALA A 540 1.27 8.73 -1.88
CA ALA A 540 2.08 7.91 -0.98
C ALA A 540 1.16 7.14 -0.03
N TRP A 541 1.66 6.02 0.49
CA TRP A 541 0.81 5.13 1.27
C TRP A 541 0.65 5.50 2.74
N VAL A 542 -0.58 5.36 3.25
CA VAL A 542 -0.89 5.60 4.63
C VAL A 542 -1.60 4.37 5.21
N PRO A 543 -1.46 4.15 6.53
CA PRO A 543 -1.95 2.93 7.18
C PRO A 543 -3.42 2.98 7.63
N SER A 544 -4.03 4.15 7.64
CA SER A 544 -5.37 4.29 8.23
C SER A 544 -6.07 5.54 7.71
N PRO A 545 -7.42 5.57 7.81
CA PRO A 545 -8.16 6.80 7.46
C PRO A 545 -7.66 8.02 8.23
N THR A 546 -7.28 7.87 9.51
CA THR A 546 -6.76 9.00 10.30
C THR A 546 -5.46 9.51 9.67
N ALA A 547 -4.59 8.58 9.31
CA ALA A 547 -3.33 8.94 8.68
C ALA A 547 -3.56 9.55 7.30
N ALA A 548 -4.61 9.12 6.60
CA ALA A 548 -4.93 9.72 5.30
C ALA A 548 -5.30 11.19 5.46
N THR A 549 -6.08 11.48 6.49
CA THR A 549 -6.53 12.85 6.74
C THR A 549 -5.34 13.75 7.04
N LEU A 550 -4.43 13.26 7.88
CA LEU A 550 -3.24 14.03 8.23
C LEU A 550 -2.25 14.18 7.08
N HIS A 551 -2.01 13.12 6.31
CA HIS A 551 -1.12 13.19 5.15
C HIS A 551 -1.69 14.13 4.06
N ALA A 552 -3.01 14.22 3.96
CA ALA A 552 -3.64 15.18 3.05
C ALA A 552 -3.09 16.61 3.26
N LEU A 553 -2.82 16.98 4.52
CA LEU A 553 -2.24 18.31 4.81
C LEU A 553 -1.01 18.61 3.93
N HIS A 554 -0.21 17.58 3.68
CA HIS A 554 1.04 17.75 2.96
C HIS A 554 0.82 18.19 1.50
N TYR A 555 -0.24 17.68 0.90
CA TYR A 555 -0.60 18.02 -0.47
C TYR A 555 -1.18 19.44 -0.58
N HIS A 556 -1.64 20.00 0.54
CA HIS A 556 -2.08 21.39 0.54
C HIS A 556 -0.89 22.32 0.68
N GLN A 557 0.16 21.84 1.32
CA GLN A 557 1.35 22.64 1.50
C GLN A 557 2.27 22.57 0.28
N VAL A 558 2.28 21.43 -0.40
CA VAL A 558 3.17 21.21 -1.52
C VAL A 558 2.42 21.07 -2.84
N ASP A 559 2.83 21.83 -3.84
CA ASP A 559 2.19 21.80 -5.16
C ASP A 559 2.87 20.71 -6.00
N VAL A 560 2.40 19.47 -5.87
CA VAL A 560 3.04 18.35 -6.56
C VAL A 560 3.15 18.56 -8.07
N ALA A 561 2.09 19.08 -8.70
CA ALA A 561 2.13 19.35 -10.13
C ALA A 561 3.31 20.27 -10.47
N ALA A 562 3.50 21.32 -9.69
CA ALA A 562 4.63 22.23 -9.93
C ALA A 562 5.97 21.53 -9.68
N VAL A 563 6.04 20.75 -8.62
CA VAL A 563 7.28 20.05 -8.30
C VAL A 563 7.68 19.11 -9.43
N GLN A 564 6.69 18.35 -9.94
CA GLN A 564 6.95 17.44 -11.06
C GLN A 564 7.46 18.14 -12.33
N GLN A 565 6.89 19.29 -12.65
CA GLN A 565 7.31 20.03 -13.84
C GLN A 565 8.74 20.55 -13.71
N GLY A 566 9.13 20.89 -12.49
CA GLY A 566 10.47 21.37 -12.25
C GLY A 566 11.50 20.25 -12.30
N LEU A 567 11.06 19.02 -12.06
CA LEU A 567 11.94 17.86 -12.11
C LEU A 567 12.17 17.36 -13.53
N ALA A 568 11.35 17.83 -14.48
CA ALA A 568 11.34 17.31 -15.84
C ALA A 568 12.71 17.26 -16.50
N GLY A 569 13.09 16.09 -16.99
CA GLY A 569 14.32 15.92 -17.73
C GLY A 569 15.57 15.84 -16.87
N LYS A 570 15.40 15.79 -15.56
CA LYS A 570 16.56 15.62 -14.69
C LYS A 570 16.86 14.13 -14.48
N ARG A 571 18.15 13.80 -14.40
CA ARG A 571 18.57 12.44 -14.08
C ARG A 571 19.42 12.54 -12.83
N ARG A 572 18.83 12.14 -11.70
CA ARG A 572 19.44 12.36 -10.40
C ARG A 572 20.04 11.09 -9.79
N ALA A 573 19.86 9.96 -10.44
CA ALA A 573 20.51 8.72 -10.02
C ALA A 573 21.26 8.03 -11.16
N THR A 574 22.45 7.52 -10.89
CA THR A 574 23.17 6.75 -11.90
C THR A 574 22.98 5.25 -11.64
N ILE A 575 23.25 4.43 -12.65
CA ILE A 575 23.25 2.99 -12.48
C ILE A 575 24.22 2.57 -11.37
N GLU A 576 25.41 3.18 -11.32
CA GLU A 576 26.37 2.84 -10.29
C GLU A 576 25.79 3.07 -8.90
N GLN A 577 25.05 4.17 -8.72
CA GLN A 577 24.45 4.46 -7.42
C GLN A 577 23.36 3.44 -7.06
N LEU A 578 22.60 3.02 -8.07
CA LEU A 578 21.53 2.03 -7.85
C LEU A 578 22.14 0.70 -7.41
N LEU A 579 23.34 0.43 -7.94
CA LEU A 579 24.03 -0.84 -7.74
C LEU A 579 24.96 -0.87 -6.55
N THR A 580 24.90 0.14 -5.68
CA THR A 580 25.79 0.21 -4.53
C THR A 580 25.26 -0.69 -3.39
N ILE A 581 25.87 -1.85 -3.22
CA ILE A 581 25.39 -2.86 -2.28
C ILE A 581 25.58 -2.37 -0.85
N PRO A 582 24.55 -2.52 0.03
CA PRO A 582 24.70 -1.97 1.39
C PRO A 582 25.56 -2.80 2.34
N LEU A 583 26.79 -3.11 1.94
CA LEU A 583 27.74 -3.84 2.78
C LEU A 583 28.17 -3.02 4.00
N ALA A 584 28.20 -3.63 5.18
CA ALA A 584 28.71 -2.94 6.37
C ALA A 584 30.21 -2.75 6.26
N LYS A 585 30.70 -1.61 6.75
CA LYS A 585 32.15 -1.38 6.77
C LYS A 585 32.81 -2.24 7.84
N GLU A 586 34.13 -2.34 7.78
CA GLU A 586 34.89 -3.25 8.65
C GLU A 586 34.80 -2.88 10.14
N LEU A 587 34.61 -3.89 10.98
CA LEU A 587 34.46 -3.71 12.43
C LEU A 587 33.41 -2.68 12.81
N ALA A 588 32.25 -2.77 12.15
CA ALA A 588 31.22 -1.75 12.26
C ALA A 588 30.57 -1.67 13.65
N TRP A 589 30.41 -2.81 14.31
CA TRP A 589 29.61 -2.85 15.54
C TRP A 589 30.29 -3.52 16.73
N ALA A 590 29.94 -3.02 17.92
CA ALA A 590 30.34 -3.63 19.19
C ALA A 590 29.43 -4.82 19.54
N PRO A 591 29.89 -5.70 20.45
CA PRO A 591 29.12 -6.85 20.91
C PRO A 591 27.72 -6.54 21.45
N ASP A 592 27.53 -5.42 22.13
CA ASP A 592 26.19 -5.08 22.61
C ASP A 592 25.28 -4.68 21.46
N GLU A 593 25.83 -3.95 20.50
CA GLU A 593 25.07 -3.51 19.34
C GLU A 593 24.65 -4.69 18.46
N ILE A 594 25.48 -5.73 18.40
CA ILE A 594 25.12 -6.93 17.64
C ILE A 594 23.88 -7.59 18.24
N ARG A 595 23.91 -7.78 19.56
CA ARG A 595 22.78 -8.39 20.26
C ARG A 595 21.51 -7.56 20.18
N GLU A 596 21.67 -6.23 20.21
CA GLU A 596 20.53 -5.33 20.07
C GLU A 596 19.84 -5.56 18.72
N GLU A 597 20.65 -5.67 17.67
CA GLU A 597 20.11 -5.87 16.33
C GLU A 597 19.47 -7.26 16.19
N VAL A 598 20.15 -8.29 16.69
CA VAL A 598 19.58 -9.63 16.68
C VAL A 598 18.23 -9.66 17.41
N ASP A 599 18.21 -9.12 18.63
CA ASP A 599 16.98 -9.05 19.41
C ASP A 599 15.89 -8.30 18.63
N ASN A 600 16.29 -7.20 17.99
CA ASN A 600 15.35 -6.35 17.24
C ASN A 600 14.64 -7.17 16.17
N ASN A 601 15.44 -7.87 15.36
CA ASN A 601 14.93 -8.68 14.26
C ASN A 601 14.13 -9.92 14.72
N CYS A 602 14.60 -10.58 15.78
CA CYS A 602 13.90 -11.77 16.28
C CYS A 602 12.54 -11.39 16.84
N GLN A 603 12.48 -10.25 17.53
CA GLN A 603 11.21 -9.76 18.06
C GLN A 603 10.26 -9.37 16.93
N SER A 604 10.79 -8.69 15.92
CA SER A 604 9.98 -8.31 14.74
C SER A 604 9.41 -9.55 14.04
N ILE A 605 10.24 -10.56 13.84
CA ILE A 605 9.81 -11.78 13.19
C ILE A 605 8.73 -12.50 14.04
N LEU A 606 9.05 -12.73 15.31
CA LEU A 606 8.12 -13.41 16.21
C LEU A 606 6.79 -12.68 16.37
N GLY A 607 6.84 -11.37 16.60
CA GLY A 607 5.63 -10.57 16.75
C GLY A 607 4.70 -10.69 15.55
N TYR A 608 5.27 -10.66 14.35
CA TYR A 608 4.46 -10.73 13.13
C TYR A 608 3.97 -12.16 12.89
N VAL A 609 4.88 -13.11 13.04
CA VAL A 609 4.63 -14.50 12.68
C VAL A 609 3.59 -15.16 13.60
N VAL A 610 3.60 -14.81 14.88
CA VAL A 610 2.62 -15.44 15.79
C VAL A 610 1.17 -15.08 15.40
N ARG A 611 0.93 -13.84 14.97
CA ARG A 611 -0.41 -13.45 14.55
C ARG A 611 -0.79 -14.06 13.19
N TRP A 612 0.22 -14.17 12.31
CA TRP A 612 0.04 -14.76 10.99
C TRP A 612 -0.35 -16.25 11.07
N VAL A 613 0.49 -17.02 11.77
CA VAL A 613 0.33 -18.48 11.77
C VAL A 613 -0.86 -18.94 12.64
N ASP A 614 -1.01 -18.34 13.82
CA ASP A 614 -2.03 -18.75 14.79
C ASP A 614 -3.42 -18.17 14.52
N GLN A 615 -3.49 -16.97 13.93
CA GLN A 615 -4.78 -16.31 13.75
C GLN A 615 -5.11 -15.87 12.33
N GLY A 616 -4.19 -16.10 11.40
CA GLY A 616 -4.41 -15.70 10.02
C GLY A 616 -4.57 -14.21 9.81
N VAL A 617 -3.87 -13.43 10.61
CA VAL A 617 -3.84 -11.97 10.48
C VAL A 617 -2.53 -11.61 9.81
N GLY A 618 -2.60 -10.89 8.69
CA GLY A 618 -1.41 -10.57 7.93
C GLY A 618 -0.93 -9.13 8.08
N ALA A 619 -1.67 -8.34 8.85
CA ALA A 619 -1.30 -6.95 9.14
C ALA A 619 -2.09 -6.43 10.35
N SER A 620 -1.42 -5.67 11.20
CA SER A 620 -2.03 -5.15 12.42
C SER A 620 -1.04 -4.20 13.12
N LYS A 621 -1.48 -3.54 14.19
CA LYS A 621 -0.58 -2.69 14.98
C LYS A 621 0.26 -3.54 15.91
N VAL A 622 1.49 -3.84 15.51
CA VAL A 622 2.37 -4.72 16.29
C VAL A 622 3.44 -3.91 17.00
N PRO A 623 3.52 -4.04 18.34
CA PRO A 623 4.54 -3.28 19.07
C PRO A 623 5.92 -3.86 18.80
N ASP A 624 6.91 -3.00 18.59
CA ASP A 624 8.25 -3.47 18.28
C ASP A 624 9.00 -3.71 19.57
N ILE A 625 10.33 -3.84 19.49
CA ILE A 625 11.09 -4.17 20.70
C ILE A 625 11.09 -3.01 21.70
N HIS A 626 10.92 -1.79 21.20
CA HIS A 626 10.83 -0.59 22.05
C HIS A 626 9.38 -0.19 22.35
N ASP A 627 8.44 -1.08 22.07
CA ASP A 627 7.01 -0.83 22.26
C ASP A 627 6.45 0.30 21.40
N VAL A 628 7.14 0.65 20.31
CA VAL A 628 6.56 1.52 19.28
C VAL A 628 5.65 0.69 18.38
N ALA A 629 4.42 1.15 18.20
CA ALA A 629 3.44 0.41 17.41
C ALA A 629 3.69 0.57 15.90
N LEU A 630 3.94 -0.56 15.23
CA LEU A 630 4.19 -0.57 13.79
C LEU A 630 3.12 -1.36 13.06
N MET A 631 2.62 -0.82 11.96
CA MET A 631 1.75 -1.58 11.07
C MET A 631 2.49 -1.82 9.78
N GLU A 632 2.99 -3.04 9.63
CA GLU A 632 3.77 -3.40 8.46
C GLU A 632 3.11 -4.60 7.79
N ASP A 633 3.35 -4.79 6.49
CA ASP A 633 2.92 -6.03 5.85
C ASP A 633 4.03 -7.09 5.91
N ARG A 634 3.88 -8.16 5.13
CA ARG A 634 4.79 -9.30 5.14
C ARG A 634 6.24 -8.96 4.73
N ALA A 635 6.41 -7.84 4.02
CA ALA A 635 7.73 -7.44 3.57
C ALA A 635 8.71 -7.13 4.73
N THR A 636 8.18 -6.74 5.89
CA THR A 636 9.06 -6.49 7.05
C THR A 636 9.71 -7.80 7.50
N LEU A 637 8.97 -8.89 7.31
CA LEU A 637 9.45 -10.20 7.67
C LEU A 637 10.52 -10.65 6.70
N ARG A 638 10.33 -10.30 5.42
CA ARG A 638 11.33 -10.58 4.41
C ARG A 638 12.64 -9.91 4.77
N ILE A 639 12.59 -8.65 5.19
CA ILE A 639 13.80 -7.93 5.58
C ILE A 639 14.49 -8.59 6.79
N SER A 640 13.74 -8.79 7.88
CA SER A 640 14.35 -9.26 9.13
C SER A 640 14.95 -10.66 8.98
N SER A 641 14.21 -11.54 8.32
CA SER A 641 14.67 -12.91 8.14
C SER A 641 15.91 -12.97 7.23
N GLN A 642 15.93 -12.13 6.19
CA GLN A 642 17.09 -12.11 5.31
C GLN A 642 18.34 -11.49 5.96
N LEU A 643 18.14 -10.43 6.75
CA LEU A 643 19.23 -9.79 7.47
C LEU A 643 19.90 -10.77 8.44
N LEU A 644 19.09 -11.51 9.21
CA LEU A 644 19.65 -12.48 10.16
C LEU A 644 20.33 -13.62 9.42
N ALA A 645 19.71 -14.11 8.35
CA ALA A 645 20.35 -15.12 7.49
C ALA A 645 21.70 -14.62 6.98
N ASN A 646 21.74 -13.35 6.61
CA ASN A 646 22.99 -12.76 6.10
C ASN A 646 24.10 -12.67 7.16
N TRP A 647 23.71 -12.28 8.37
CA TRP A 647 24.66 -12.21 9.48
C TRP A 647 25.14 -13.61 9.89
N LEU A 648 24.26 -14.60 9.82
CA LEU A 648 24.65 -15.98 10.08
C LEU A 648 25.57 -16.49 8.98
N ARG A 649 25.23 -16.19 7.73
CA ARG A 649 26.04 -16.60 6.58
C ARG A 649 27.48 -16.15 6.71
N HIS A 650 27.67 -14.96 7.28
CA HIS A 650 28.98 -14.32 7.29
C HIS A 650 29.67 -14.27 8.65
N GLY A 651 29.13 -15.00 9.61
CA GLY A 651 29.84 -15.19 10.86
C GLY A 651 29.77 -14.02 11.81
N VAL A 652 28.83 -13.10 11.56
CA VAL A 652 28.57 -12.03 12.51
C VAL A 652 27.94 -12.58 13.77
N ILE A 653 27.09 -13.59 13.62
CA ILE A 653 26.39 -14.18 14.76
C ILE A 653 26.41 -15.69 14.62
N THR A 654 26.16 -16.40 15.72
CA THR A 654 26.17 -17.86 15.69
C THR A 654 24.73 -18.35 15.79
N SER A 655 24.53 -19.64 15.53
CA SER A 655 23.20 -20.20 15.61
C SER A 655 22.68 -20.24 17.06
N ALA A 656 23.60 -20.27 18.02
CA ALA A 656 23.23 -20.12 19.43
C ALA A 656 22.75 -18.71 19.73
N ASP A 657 23.35 -17.72 19.07
CA ASP A 657 22.92 -16.32 19.27
C ASP A 657 21.46 -16.17 18.83
N VAL A 658 21.13 -16.77 17.69
CA VAL A 658 19.78 -16.71 17.15
C VAL A 658 18.80 -17.43 18.09
N ARG A 659 19.15 -18.65 18.49
CA ARG A 659 18.28 -19.42 19.36
C ARG A 659 17.99 -18.65 20.65
N ALA A 660 19.05 -18.17 21.28
CA ALA A 660 18.95 -17.44 22.55
C ALA A 660 18.05 -16.21 22.39
N SER A 661 18.24 -15.49 21.31
CA SER A 661 17.42 -14.32 21.06
C SER A 661 15.93 -14.68 20.87
N LEU A 662 15.64 -15.70 20.07
CA LEU A 662 14.25 -16.11 19.87
C LEU A 662 13.63 -16.52 21.21
N GLU A 663 14.41 -17.21 22.04
CA GLU A 663 13.99 -17.59 23.38
C GLU A 663 13.73 -16.38 24.30
N ARG A 664 14.62 -15.40 24.27
CA ARG A 664 14.45 -14.18 25.05
C ARG A 664 13.25 -13.34 24.61
N MET A 665 13.01 -13.29 23.30
CA MET A 665 11.98 -12.39 22.77
C MET A 665 10.60 -12.99 22.81
N ALA A 666 10.53 -14.32 22.74
CA ALA A 666 9.23 -15.02 22.76
C ALA A 666 8.31 -14.69 23.94
N PRO A 667 8.84 -14.58 25.17
CA PRO A 667 7.90 -14.27 26.25
C PRO A 667 7.53 -12.79 26.25
N LEU A 668 8.39 -11.96 25.68
CA LEU A 668 8.10 -10.54 25.58
C LEU A 668 6.95 -10.34 24.59
N VAL A 669 7.00 -11.08 23.48
CA VAL A 669 5.90 -11.06 22.52
C VAL A 669 4.62 -11.64 23.13
N ASP A 670 4.78 -12.68 23.95
CA ASP A 670 3.65 -13.27 24.66
C ASP A 670 2.99 -12.20 25.53
N ARG A 671 3.80 -11.45 26.26
CA ARG A 671 3.30 -10.38 27.11
C ARG A 671 2.65 -9.27 26.30
N GLN A 672 3.30 -8.88 25.19
CA GLN A 672 2.79 -7.81 24.34
C GLN A 672 1.42 -8.18 23.77
N ASN A 673 1.11 -9.47 23.78
CA ASN A 673 -0.15 -9.96 23.26
C ASN A 673 -1.18 -10.28 24.33
N ALA A 674 -0.97 -9.79 25.54
CA ALA A 674 -2.10 -9.59 26.44
C ALA A 674 -2.93 -8.54 25.70
N GLY A 675 -3.52 -8.96 24.59
CA GLY A 675 -4.23 -8.13 23.65
C GLY A 675 -5.55 -8.84 23.50
N ASP A 676 -5.46 -10.15 23.77
CA ASP A 676 -6.52 -10.94 24.41
C ASP A 676 -6.80 -12.37 23.92
N VAL A 677 -8.09 -12.62 23.71
CA VAL A 677 -8.71 -13.93 23.86
C VAL A 677 -8.11 -15.09 23.10
N ALA A 678 -7.77 -14.88 21.83
CA ALA A 678 -7.37 -16.01 20.99
C ALA A 678 -5.87 -16.35 21.07
N TYR A 679 -5.11 -15.58 21.85
CA TYR A 679 -3.66 -15.76 21.88
C TYR A 679 -3.17 -16.95 22.71
N ARG A 680 -2.34 -17.78 22.08
CA ARG A 680 -1.66 -18.88 22.76
C ARG A 680 -0.18 -18.51 22.88
N PRO A 681 0.38 -18.61 24.11
CA PRO A 681 1.79 -18.23 24.33
C PRO A 681 2.73 -19.18 23.62
N MET A 682 3.90 -18.68 23.22
CA MET A 682 4.91 -19.52 22.56
C MET A 682 5.81 -20.18 23.60
N ALA A 683 6.15 -19.42 24.63
CA ALA A 683 6.98 -19.89 25.73
C ALA A 683 6.08 -20.50 26.82
N PRO A 684 6.55 -21.55 27.51
CA PRO A 684 7.89 -22.14 27.41
C PRO A 684 8.02 -23.35 26.49
N ASN A 685 6.93 -23.76 25.85
CA ASN A 685 6.99 -24.95 25.00
C ASN A 685 7.27 -24.66 23.52
N PHE A 686 8.36 -23.94 23.27
CA PHE A 686 8.78 -23.52 21.93
C PHE A 686 8.57 -24.54 20.81
N ASP A 687 9.09 -25.75 21.00
CA ASP A 687 8.96 -26.77 19.97
C ASP A 687 7.54 -27.33 19.85
N ASP A 688 6.61 -26.82 20.66
CA ASP A 688 5.19 -27.16 20.51
C ASP A 688 4.42 -26.05 19.79
N SER A 689 5.05 -24.89 19.67
CA SER A 689 4.46 -23.76 18.96
C SER A 689 4.83 -23.78 17.48
N ILE A 690 3.85 -24.07 16.63
CA ILE A 690 4.07 -24.02 15.19
C ILE A 690 4.56 -22.62 14.78
N ALA A 691 4.07 -21.58 15.45
CA ALA A 691 4.46 -20.23 15.11
C ALA A 691 5.92 -19.99 15.49
N PHE A 692 6.34 -20.52 16.64
CA PHE A 692 7.74 -20.37 17.03
C PHE A 692 8.68 -21.07 16.05
N LEU A 693 8.31 -22.29 15.64
CA LEU A 693 9.10 -23.04 14.67
C LEU A 693 9.11 -22.38 13.29
N ALA A 694 8.01 -21.74 12.93
CA ALA A 694 7.93 -20.97 11.68
C ALA A 694 9.00 -19.87 11.67
N ALA A 695 9.06 -19.11 12.75
CA ALA A 695 9.99 -17.99 12.88
C ALA A 695 11.42 -18.50 12.78
N GLN A 696 11.69 -19.60 13.46
CA GLN A 696 13.02 -20.19 13.42
C GLN A 696 13.39 -20.65 12.02
N GLU A 697 12.41 -21.24 11.32
CA GLU A 697 12.63 -21.76 9.97
C GLU A 697 12.89 -20.64 8.95
N LEU A 698 12.17 -19.54 9.12
CA LEU A 698 12.36 -18.37 8.26
C LEU A 698 13.80 -17.85 8.32
N ILE A 699 14.41 -17.89 9.52
CA ILE A 699 15.80 -17.47 9.67
C ILE A 699 16.79 -18.51 9.16
N LEU A 700 16.67 -19.75 9.64
CA LEU A 700 17.67 -20.76 9.33
C LEU A 700 17.61 -21.29 7.88
N SER A 701 16.46 -21.18 7.24
CA SER A 701 16.36 -21.53 5.83
C SER A 701 16.28 -20.29 4.93
N GLY A 702 16.38 -19.10 5.52
CA GLY A 702 16.29 -17.85 4.76
C GLY A 702 17.15 -17.74 3.52
N ALA A 703 18.43 -18.07 3.65
CA ALA A 703 19.35 -17.96 2.52
C ALA A 703 18.93 -18.83 1.32
N GLN A 704 18.17 -19.88 1.58
CA GLN A 704 17.78 -20.81 0.51
C GLN A 704 16.40 -20.55 -0.09
N GLN A 705 15.66 -19.58 0.43
CA GLN A 705 14.34 -19.28 -0.13
C GLN A 705 14.52 -18.46 -1.41
N PRO A 706 13.70 -18.71 -2.44
CA PRO A 706 13.89 -17.98 -3.70
C PRO A 706 13.67 -16.48 -3.51
N ASN A 707 14.68 -15.68 -3.83
CA ASN A 707 14.66 -14.23 -3.65
C ASN A 707 14.30 -13.78 -2.23
N GLY A 708 14.53 -14.67 -1.28
CA GLY A 708 14.22 -14.40 0.11
C GLY A 708 12.75 -14.38 0.48
N TYR A 709 11.88 -14.84 -0.42
CA TYR A 709 10.43 -14.83 -0.17
C TYR A 709 10.03 -15.69 1.03
N THR A 710 9.14 -15.14 1.87
CA THR A 710 8.71 -15.81 3.08
C THR A 710 7.46 -16.69 2.89
N GLU A 711 6.73 -16.47 1.80
CA GLU A 711 5.44 -17.15 1.62
C GLU A 711 5.50 -18.68 1.65
N PRO A 712 6.47 -19.32 0.96
CA PRO A 712 6.50 -20.78 0.97
C PRO A 712 6.50 -21.39 2.38
N ILE A 713 7.30 -20.82 3.27
CA ILE A 713 7.35 -21.29 4.65
C ILE A 713 6.12 -20.88 5.46
N LEU A 714 5.71 -19.62 5.35
CA LEU A 714 4.54 -19.14 6.08
C LEU A 714 3.27 -19.89 5.69
N HIS A 715 3.08 -20.11 4.39
CA HIS A 715 1.87 -20.79 3.94
C HIS A 715 1.84 -22.22 4.46
N ARG A 716 2.99 -22.88 4.43
CA ARG A 716 3.10 -24.24 4.91
C ARG A 716 2.75 -24.31 6.41
N ARG A 717 3.33 -23.40 7.19
CA ARG A 717 3.11 -23.40 8.64
C ARG A 717 1.69 -23.03 9.07
N ARG A 718 1.07 -22.09 8.34
CA ARG A 718 -0.33 -21.71 8.60
C ARG A 718 -1.27 -22.89 8.27
N ARG A 719 -1.03 -23.55 7.14
CA ARG A 719 -1.80 -24.75 6.80
C ARG A 719 -1.64 -25.86 7.84
N GLU A 720 -0.40 -26.06 8.31
CA GLU A 720 -0.12 -26.99 9.40
C GLU A 720 -0.92 -26.61 10.64
N PHE A 721 -0.89 -25.33 11.00
CA PHE A 721 -1.64 -24.87 12.16
C PHE A 721 -3.13 -25.15 11.99
N LYS A 722 -3.67 -24.77 10.84
CA LYS A 722 -5.08 -25.01 10.54
C LYS A 722 -5.47 -26.48 10.67
N ALA A 723 -4.63 -27.35 10.12
CA ALA A 723 -4.89 -28.79 10.14
C ALA A 723 -4.90 -29.36 11.56
N ARG A 724 -4.05 -28.83 12.43
CA ARG A 724 -4.02 -29.28 13.82
C ARG A 724 -5.24 -28.76 14.59
N ALA A 725 -5.63 -27.52 14.32
CA ALA A 725 -6.76 -26.90 15.00
C ALA A 725 -8.07 -27.63 14.71
N ALA A 726 -8.09 -28.43 13.64
CA ALA A 726 -9.27 -29.17 13.26
C ALA A 726 -9.37 -30.48 14.04
N GLU A 727 -8.22 -31.07 14.35
CA GLU A 727 -8.15 -32.35 15.02
C GLU A 727 -7.81 -32.21 16.51
#